data_2QTK
#
_entry.id   2QTK
#
_cell.length_a   81.889
_cell.length_b   96.697
_cell.length_c   121.411
_cell.angle_alpha   90.00
_cell.angle_beta   90.00
_cell.angle_gamma   90.00
#
_symmetry.space_group_name_H-M   'P 21 21 21'
#
loop_
_entity.id
_entity.type
_entity.pdbx_description
1 polymer 'Probable porin'
2 non-polymer (HYDROXYETHYLOXY)TRI(ETHYLOXY)OCTANE
#
_entity_poly.entity_id   1
_entity_poly.type   'polypeptide(L)'
_entity_poly.pdbx_seq_one_letter_code
;AEGGFLEDAKTDLVLRNYYFNRDFRDHDAGKSLVDEWAQGFILKFSSGYTPGTVGVGLDAIGLFGVKLNSGRGTSNSELL
PLHDDGRAADNYGRVGVAAKLRVSASELKIGEMLPDIPLLRYDDGRLLPQTFRGFAVVSRELPGLALQAGRFDAVSLRNS
ADMQDLSAWSAPTQKSDGFNYAGAEYRFNRERTQLGLWHGQLEDVYRQSYANLLHKQRVGDWTLGANLGLFVDRDDGAAR
AGEIDSHTVYGLFSAGIGLHTFYLGLQKVGGDSGWQSVYGSSGRSMGNDMFNGNFTNADERSWQVRYDYDFVGLGWPGLI
GMVRYGHGSNATTKAGSGGKEWERDVELGYTVQSGPLARLNVRLNHASNRRSFNSDFDQTRLVVSYPLSW
;
_entity_poly.pdbx_strand_id   A,B
#
# COMPACT_ATOMS: atom_id res chain seq x y z
N GLY A 4 18.72 -18.47 43.80
CA GLY A 4 17.84 -19.45 43.07
C GLY A 4 16.45 -18.92 42.74
N PHE A 5 15.88 -19.42 41.64
CA PHE A 5 14.55 -19.03 41.15
C PHE A 5 13.85 -17.93 41.90
N LEU A 6 13.35 -18.24 43.09
CA LEU A 6 12.66 -17.24 43.90
C LEU A 6 13.65 -16.19 44.40
N GLU A 7 14.71 -16.65 45.07
CA GLU A 7 15.75 -15.78 45.61
C GLU A 7 15.98 -14.55 44.75
N ASP A 8 16.57 -14.76 43.58
CA ASP A 8 16.82 -13.66 42.65
C ASP A 8 15.65 -13.59 41.71
N ALA A 9 14.85 -12.54 41.83
CA ALA A 9 13.70 -12.39 40.97
C ALA A 9 13.32 -10.94 40.96
N LYS A 10 13.54 -10.29 39.83
CA LYS A 10 13.19 -8.89 39.70
C LYS A 10 11.76 -8.83 39.16
N THR A 11 11.02 -7.84 39.63
CA THR A 11 9.65 -7.61 39.18
C THR A 11 9.60 -6.12 38.95
N ASP A 12 9.42 -5.73 37.70
CA ASP A 12 9.40 -4.33 37.36
C ASP A 12 8.07 -3.85 36.82
N LEU A 13 7.59 -2.79 37.45
CA LEU A 13 6.33 -2.17 37.09
C LEU A 13 6.64 -0.76 36.63
N VAL A 14 6.20 -0.41 35.44
CA VAL A 14 6.44 0.93 34.94
C VAL A 14 5.13 1.55 34.49
N LEU A 15 4.76 2.64 35.14
CA LEU A 15 3.54 3.37 34.79
C LEU A 15 3.97 4.35 33.71
N ARG A 16 3.22 4.40 32.62
CA ARG A 16 3.58 5.29 31.52
C ARG A 16 2.40 6.05 30.91
N ASN A 17 2.30 7.34 31.26
CA ASN A 17 1.24 8.19 30.72
C ASN A 17 1.83 8.81 29.45
N TYR A 18 1.12 8.68 28.35
CA TYR A 18 1.64 9.16 27.10
C TYR A 18 0.71 10.09 26.34
N TYR A 19 1.23 11.27 25.99
CA TYR A 19 0.47 12.23 25.21
C TYR A 19 1.17 12.37 23.87
N PHE A 20 0.46 12.02 22.81
CA PHE A 20 1.00 12.08 21.47
C PHE A 20 0.31 13.13 20.61
N ASN A 21 1.10 13.92 19.90
CA ASN A 21 0.53 14.92 19.02
C ASN A 21 1.29 15.08 17.71
N ARG A 22 0.58 14.87 16.61
CA ARG A 22 1.17 15.00 15.29
C ARG A 22 0.27 15.89 14.44
N ASP A 23 0.79 17.04 14.04
CA ASP A 23 0.01 17.95 13.22
C ASP A 23 0.64 18.23 11.87
N PHE A 24 -0.06 17.84 10.82
CA PHE A 24 0.43 18.06 9.46
C PHE A 24 0.25 19.50 9.03
N LYS A 31 -6.69 15.59 6.18
CA LYS A 31 -6.10 15.07 7.40
C LYS A 31 -4.93 15.93 7.87
N SER A 32 -5.08 16.55 9.05
CA SER A 32 -4.03 17.43 9.58
C SER A 32 -3.75 17.34 11.08
N LEU A 33 -4.46 16.47 11.81
CA LEU A 33 -4.24 16.37 13.24
C LEU A 33 -4.45 15.00 13.87
N VAL A 34 -3.49 14.60 14.69
CA VAL A 34 -3.54 13.34 15.42
C VAL A 34 -3.24 13.76 16.85
N ASP A 35 -4.07 13.31 17.79
CA ASP A 35 -3.89 13.70 19.17
C ASP A 35 -4.38 12.63 20.12
N GLU A 36 -3.52 11.69 20.48
CA GLU A 36 -3.89 10.62 21.39
C GLU A 36 -3.42 10.84 22.82
N TRP A 37 -4.08 10.20 23.77
CA TRP A 37 -3.71 10.28 25.18
C TRP A 37 -4.02 8.92 25.80
N ALA A 38 -2.98 8.24 26.27
CA ALA A 38 -3.16 6.92 26.86
C ALA A 38 -2.36 6.70 28.12
N GLN A 39 -2.70 5.63 28.84
CA GLN A 39 -2.00 5.27 30.07
C GLN A 39 -1.54 3.83 29.91
N GLY A 40 -0.26 3.60 30.10
CA GLY A 40 0.27 2.27 29.95
C GLY A 40 0.86 1.69 31.22
N PHE A 41 0.85 0.35 31.29
CA PHE A 41 1.40 -0.42 32.39
C PHE A 41 2.27 -1.50 31.75
N ILE A 42 3.52 -1.59 32.18
CA ILE A 42 4.42 -2.60 31.64
C ILE A 42 5.03 -3.32 32.82
N LEU A 43 4.49 -4.50 33.10
CA LEU A 43 4.95 -5.34 34.20
C LEU A 43 5.88 -6.44 33.73
N LYS A 44 7.13 -6.39 34.18
CA LYS A 44 8.12 -7.39 33.79
C LYS A 44 8.63 -8.19 34.97
N PHE A 45 8.47 -9.51 34.90
CA PHE A 45 8.92 -10.41 35.95
C PHE A 45 10.10 -11.21 35.41
N SER A 46 11.13 -11.36 36.24
CA SER A 46 12.28 -12.14 35.83
C SER A 46 12.82 -12.96 36.98
N SER A 47 12.52 -14.26 36.96
CA SER A 47 12.95 -15.17 38.01
C SER A 47 14.46 -15.34 38.03
N GLY A 48 14.93 -16.18 38.96
CA GLY A 48 16.34 -16.46 39.04
C GLY A 48 16.55 -17.75 38.29
N TYR A 49 17.67 -18.42 38.55
CA TYR A 49 17.97 -19.69 37.92
C TYR A 49 18.07 -20.74 39.02
N THR A 50 17.54 -21.94 38.76
CA THR A 50 17.62 -22.99 39.74
C THR A 50 19.08 -23.39 39.89
N PRO A 51 19.52 -23.63 41.13
CA PRO A 51 20.92 -24.02 41.38
C PRO A 51 21.28 -25.30 40.64
N GLY A 52 22.48 -25.37 40.06
CA GLY A 52 22.89 -26.58 39.37
C GLY A 52 23.53 -26.46 38.00
N THR A 53 24.08 -27.57 37.52
CA THR A 53 24.73 -27.65 36.22
C THR A 53 23.83 -27.05 35.14
N VAL A 54 22.54 -27.17 35.33
CA VAL A 54 21.56 -26.63 34.39
C VAL A 54 20.59 -25.79 35.21
N GLY A 55 20.49 -24.51 34.87
CA GLY A 55 19.58 -23.65 35.60
C GLY A 55 18.30 -23.47 34.81
N VAL A 56 17.15 -23.56 35.48
CA VAL A 56 15.89 -23.37 34.79
C VAL A 56 15.23 -22.14 35.38
N GLY A 57 14.61 -21.34 34.51
CA GLY A 57 13.95 -20.12 34.97
C GLY A 57 12.74 -19.73 34.17
N LEU A 58 12.06 -18.69 34.64
CA LEU A 58 10.86 -18.22 33.96
C LEU A 58 10.77 -16.71 33.89
N ASP A 59 10.38 -16.20 32.72
CA ASP A 59 10.21 -14.77 32.49
C ASP A 59 8.78 -14.54 32.01
N ALA A 60 8.28 -13.33 32.24
CA ALA A 60 6.93 -12.97 31.83
C ALA A 60 6.77 -11.45 31.70
N ILE A 61 5.89 -11.04 30.79
CA ILE A 61 5.63 -9.62 30.60
C ILE A 61 4.14 -9.41 30.44
N GLY A 62 3.60 -8.45 31.18
CA GLY A 62 2.18 -8.15 31.09
C GLY A 62 2.02 -6.72 30.57
N LEU A 63 1.32 -6.57 29.45
CA LEU A 63 1.14 -5.25 28.86
C LEU A 63 -0.31 -4.80 28.85
N PHE A 64 -0.59 -3.63 29.42
CA PHE A 64 -1.95 -3.12 29.45
C PHE A 64 -2.01 -1.60 29.23
N GLY A 65 -2.80 -1.19 28.26
CA GLY A 65 -2.93 0.22 27.96
C GLY A 65 -4.39 0.61 27.98
N VAL A 66 -4.65 1.87 28.32
CA VAL A 66 -6.01 2.37 28.39
C VAL A 66 -6.13 3.70 27.67
N LYS A 67 -6.96 3.75 26.64
CA LYS A 67 -7.15 4.99 25.90
C LYS A 67 -7.71 6.04 26.85
N LEU A 68 -7.63 7.31 26.49
CA LEU A 68 -8.19 8.33 27.37
C LEU A 68 -8.27 9.71 26.73
N ASN A 69 -9.10 9.83 25.70
CA ASN A 69 -9.27 11.09 25.00
C ASN A 69 -7.97 11.54 24.36
N ASN A 76 -5.03 7.82 13.66
CA ASN A 76 -4.07 6.73 13.57
C ASN A 76 -3.88 6.05 14.91
N SER A 77 -3.61 4.75 14.86
CA SER A 77 -3.40 3.98 16.07
C SER A 77 -1.93 4.06 16.51
N GLU A 78 -1.55 5.21 17.07
CA GLU A 78 -0.18 5.35 17.53
C GLU A 78 0.00 4.71 18.91
N LEU A 79 -0.81 5.13 19.86
CA LEU A 79 -0.71 4.60 21.21
C LEU A 79 -1.62 3.41 21.47
N LEU A 80 -2.61 3.22 20.60
CA LEU A 80 -3.55 2.13 20.77
C LEU A 80 -4.14 1.66 19.45
N PRO A 81 -4.51 0.37 19.36
CA PRO A 81 -5.09 -0.14 18.11
C PRO A 81 -6.48 0.45 17.89
N LEU A 82 -6.85 0.68 16.63
CA LEU A 82 -8.16 1.26 16.34
C LEU A 82 -9.07 0.33 15.54
N HIS A 83 -10.12 -0.14 16.20
CA HIS A 83 -11.12 -1.06 15.62
C HIS A 83 -11.48 -0.76 14.17
N ALA A 88 -10.63 2.67 17.49
CA ALA A 88 -10.01 3.57 18.45
C ALA A 88 -10.03 2.96 19.86
N ALA A 89 -10.01 1.63 19.92
CA ALA A 89 -10.03 0.81 21.14
C ALA A 89 -9.88 1.50 22.52
N ASP A 90 -10.77 1.15 23.44
CA ASP A 90 -10.76 1.69 24.80
C ASP A 90 -9.48 1.25 25.48
N ASN A 91 -9.04 0.05 25.12
CA ASN A 91 -7.83 -0.51 25.68
C ASN A 91 -7.45 -1.81 24.98
N TYR A 92 -6.42 -2.47 25.50
CA TYR A 92 -5.94 -3.72 24.95
C TYR A 92 -4.78 -4.14 25.80
N GLY A 93 -4.56 -5.44 25.93
CA GLY A 93 -3.48 -5.93 26.76
C GLY A 93 -2.95 -7.25 26.25
N ARG A 94 -2.04 -7.85 27.01
CA ARG A 94 -1.46 -9.12 26.61
C ARG A 94 -0.45 -9.59 27.63
N VAL A 95 -0.33 -10.91 27.79
CA VAL A 95 0.62 -11.47 28.73
C VAL A 95 1.52 -12.47 28.03
N GLY A 96 2.82 -12.31 28.20
CA GLY A 96 3.76 -13.22 27.56
C GLY A 96 4.63 -13.90 28.58
N VAL A 97 4.98 -15.15 28.30
CA VAL A 97 5.84 -15.94 29.18
C VAL A 97 7.00 -16.51 28.37
N ALA A 98 8.12 -16.78 29.03
CA ALA A 98 9.28 -17.33 28.36
C ALA A 98 10.08 -18.23 29.30
N ALA A 99 10.30 -19.47 28.91
CA ALA A 99 11.08 -20.38 29.76
C ALA A 99 12.57 -20.09 29.60
N LYS A 100 13.33 -20.25 30.68
CA LYS A 100 14.77 -20.02 30.64
C LYS A 100 15.52 -21.23 31.16
N LEU A 101 16.62 -21.57 30.50
CA LEU A 101 17.45 -22.67 30.94
C LEU A 101 18.90 -22.37 30.56
N ARG A 102 19.77 -22.36 31.57
CA ARG A 102 21.18 -22.05 31.41
C ARG A 102 22.11 -23.19 31.77
N VAL A 103 23.34 -23.07 31.30
CA VAL A 103 24.36 -24.06 31.58
C VAL A 103 25.70 -23.43 31.21
N SER A 104 26.68 -23.60 32.09
CA SER A 104 27.99 -23.02 31.86
C SER A 104 27.78 -21.53 31.64
N ALA A 105 28.18 -21.02 30.48
CA ALA A 105 28.03 -19.59 30.16
C ALA A 105 27.14 -19.34 28.96
N SER A 106 26.12 -20.18 28.77
CA SER A 106 25.20 -20.04 27.64
C SER A 106 23.74 -20.06 28.11
N GLU A 107 22.92 -19.21 27.52
CA GLU A 107 21.49 -19.11 27.88
C GLU A 107 20.59 -19.41 26.70
N LEU A 108 19.40 -19.92 26.99
CA LEU A 108 18.44 -20.25 25.94
C LEU A 108 17.11 -19.78 26.49
N LYS A 109 16.33 -19.11 25.64
CA LYS A 109 15.02 -18.63 26.05
C LYS A 109 14.00 -19.00 25.00
N ILE A 110 12.95 -19.70 25.43
CA ILE A 110 11.89 -20.07 24.53
C ILE A 110 10.62 -19.40 25.02
N GLY A 111 9.89 -18.78 24.10
CA GLY A 111 8.66 -18.12 24.48
C GLY A 111 8.50 -16.75 23.86
N GLU A 112 8.04 -15.80 24.67
CA GLU A 112 7.86 -14.42 24.21
C GLU A 112 8.86 -13.54 24.92
N MET A 113 9.67 -12.82 24.15
CA MET A 113 10.72 -11.96 24.72
C MET A 113 10.83 -10.61 24.00
N LEU A 114 11.87 -9.86 24.34
CA LEU A 114 12.09 -8.55 23.73
C LEU A 114 13.43 -8.52 23.00
N PRO A 115 13.47 -9.07 21.77
CA PRO A 115 14.67 -9.11 20.94
C PRO A 115 15.30 -7.73 20.79
N ASP A 116 16.57 -7.61 21.16
CA ASP A 116 17.24 -6.34 21.04
C ASP A 116 18.67 -6.52 20.50
N ILE A 117 18.78 -6.91 19.23
CA ILE A 117 20.07 -7.10 18.58
C ILE A 117 20.17 -6.26 17.29
N PRO A 118 21.38 -6.13 16.72
CA PRO A 118 21.55 -5.34 15.50
C PRO A 118 20.50 -5.52 14.40
N LEU A 119 20.23 -6.77 14.02
CA LEU A 119 19.29 -7.06 12.94
C LEU A 119 17.81 -7.12 13.32
N LEU A 120 17.49 -6.89 14.60
CA LEU A 120 16.10 -6.91 15.05
C LEU A 120 16.01 -6.20 16.39
N ARG A 121 15.71 -4.91 16.36
CA ARG A 121 15.61 -4.17 17.61
C ARG A 121 14.15 -3.84 17.87
N TYR A 122 13.58 -4.49 18.88
CA TYR A 122 12.17 -4.29 19.21
C TYR A 122 11.85 -2.84 19.45
N ASP A 123 10.67 -2.43 19.03
CA ASP A 123 10.24 -1.06 19.19
C ASP A 123 9.54 -0.76 20.49
N ASP A 124 9.78 0.43 21.01
CA ASP A 124 9.16 0.84 22.25
C ASP A 124 9.08 2.35 22.25
N GLY A 125 8.65 2.91 21.13
CA GLY A 125 8.51 4.34 21.00
C GLY A 125 7.08 4.84 21.19
N ARG A 126 6.23 3.99 21.75
CA ARG A 126 4.84 4.36 21.96
C ARG A 126 4.34 4.03 23.37
N LEU A 127 3.12 3.52 23.50
CA LEU A 127 2.56 3.19 24.82
C LEU A 127 3.08 1.88 25.38
N LEU A 128 2.91 0.77 24.64
CA LEU A 128 3.41 -0.53 25.09
C LEU A 128 4.51 -0.99 24.14
N PRO A 129 5.37 -1.92 24.58
CA PRO A 129 6.48 -2.45 23.75
C PRO A 129 6.12 -3.49 22.69
N GLN A 130 6.85 -3.48 21.58
CA GLN A 130 6.67 -4.48 20.50
C GLN A 130 7.28 -5.75 21.08
N THR A 131 6.60 -6.88 20.91
CA THR A 131 7.10 -8.13 21.46
C THR A 131 7.16 -9.24 20.40
N PHE A 132 8.15 -10.12 20.52
CA PHE A 132 8.36 -11.20 19.54
C PHE A 132 8.24 -12.59 20.16
N ARG A 133 8.08 -13.61 19.33
CA ARG A 133 7.97 -14.98 19.82
C ARG A 133 8.81 -15.98 19.05
N GLY A 134 9.56 -16.78 19.79
CA GLY A 134 10.44 -17.78 19.20
C GLY A 134 11.45 -18.20 20.24
N PHE A 135 12.71 -18.30 19.84
CA PHE A 135 13.77 -18.69 20.76
C PHE A 135 15.08 -17.98 20.42
N ALA A 136 15.94 -17.86 21.43
CA ALA A 136 17.23 -17.21 21.24
C ALA A 136 18.30 -17.78 22.19
N VAL A 137 19.48 -18.02 21.64
CA VAL A 137 20.58 -18.55 22.43
C VAL A 137 21.68 -17.50 22.51
N VAL A 138 22.29 -17.37 23.67
CA VAL A 138 23.39 -16.43 23.85
C VAL A 138 24.53 -17.15 24.59
N SER A 139 25.60 -17.48 23.86
CA SER A 139 26.74 -18.17 24.45
C SER A 139 27.93 -17.24 24.70
N ARG A 140 28.55 -17.38 25.87
CA ARG A 140 29.70 -16.57 26.25
C ARG A 140 30.78 -17.47 26.88
N GLU A 141 31.01 -18.64 26.26
CA GLU A 141 31.99 -19.58 26.76
C GLU A 141 33.44 -19.13 26.60
N LEU A 142 33.73 -18.35 25.57
CA LEU A 142 35.09 -17.85 25.36
C LEU A 142 35.16 -16.41 25.86
N PRO A 143 36.23 -16.05 26.60
CA PRO A 143 36.37 -14.68 27.12
C PRO A 143 36.29 -13.52 26.11
N GLY A 144 35.36 -12.62 26.38
CA GLY A 144 35.16 -11.44 25.55
C GLY A 144 34.29 -11.60 24.32
N LEU A 145 34.12 -12.83 23.87
CA LEU A 145 33.34 -13.12 22.67
C LEU A 145 31.97 -13.70 23.03
N ALA A 146 30.92 -13.09 22.49
CA ALA A 146 29.55 -13.55 22.75
C ALA A 146 28.86 -14.00 21.45
N LEU A 147 28.33 -15.22 21.46
CA LEU A 147 27.64 -15.74 20.29
C LEU A 147 26.13 -15.74 20.45
N GLN A 148 25.43 -15.42 19.36
CA GLN A 148 23.99 -15.37 19.41
C GLN A 148 23.33 -16.00 18.19
N ALA A 149 22.13 -16.51 18.40
CA ALA A 149 21.35 -17.12 17.33
C ALA A 149 19.95 -17.36 17.85
N GLY A 150 18.98 -17.46 16.95
CA GLY A 150 17.63 -17.67 17.40
C GLY A 150 16.67 -17.45 16.25
N ARG A 151 15.40 -17.65 16.52
CA ARG A 151 14.40 -17.47 15.49
C ARG A 151 13.11 -16.96 16.09
N PHE A 152 12.41 -16.13 15.34
CA PHE A 152 11.14 -15.60 15.79
C PHE A 152 10.11 -15.82 14.68
N ASP A 153 9.05 -16.56 14.99
CA ASP A 153 8.01 -16.85 14.01
C ASP A 153 6.78 -15.95 14.17
N ALA A 154 6.66 -15.28 15.31
CA ALA A 154 5.52 -14.39 15.52
C ALA A 154 5.92 -13.05 16.15
N VAL A 155 5.06 -12.07 15.98
CA VAL A 155 5.31 -10.73 16.51
C VAL A 155 4.03 -10.02 16.87
N SER A 156 4.14 -9.13 17.84
CA SER A 156 3.01 -8.32 18.25
C SER A 156 3.46 -6.88 18.14
N LEU A 157 2.86 -6.15 17.19
CA LEU A 157 3.19 -4.75 17.01
C LEU A 157 2.91 -4.03 18.34
N ARG A 158 3.63 -2.94 18.56
CA ARG A 158 3.51 -2.17 19.79
C ARG A 158 2.08 -1.71 20.00
N ASN A 159 1.39 -1.42 18.91
CA ASN A 159 0.03 -0.94 18.99
C ASN A 159 -0.99 -2.05 18.77
N SER A 160 -0.65 -3.25 19.22
CA SER A 160 -1.58 -4.36 19.07
C SER A 160 -1.43 -5.33 20.22
N ALA A 161 -2.51 -6.03 20.52
CA ALA A 161 -2.52 -7.02 21.59
C ALA A 161 -2.48 -8.40 20.96
N ASP A 162 -2.24 -8.46 19.66
CA ASP A 162 -2.20 -9.75 18.98
C ASP A 162 -0.89 -10.08 18.29
N MET A 163 -0.68 -11.37 18.02
CA MET A 163 0.53 -11.83 17.36
C MET A 163 0.23 -11.98 15.88
N GLN A 164 1.27 -12.16 15.08
CA GLN A 164 1.09 -12.29 13.64
C GLN A 164 2.40 -12.58 12.94
N ASP A 165 2.32 -12.96 11.67
CA ASP A 165 3.52 -13.26 10.89
C ASP A 165 4.33 -12.00 10.69
N LEU A 166 5.64 -12.17 10.63
CA LEU A 166 6.56 -11.07 10.42
C LEU A 166 6.53 -10.64 8.96
N SER A 167 7.11 -9.47 8.70
CA SER A 167 7.20 -8.92 7.35
C SER A 167 8.11 -7.70 7.44
N ALA A 168 8.62 -7.25 6.30
CA ALA A 168 9.50 -6.09 6.24
C ALA A 168 8.77 -4.75 6.02
N TRP A 169 9.40 -3.65 6.42
CA TRP A 169 8.82 -2.33 6.24
C TRP A 169 8.56 -1.96 4.78
N SER A 170 9.34 -2.53 3.88
CA SER A 170 9.18 -2.25 2.46
C SER A 170 7.98 -2.98 1.87
N ALA A 171 7.37 -3.87 2.63
CA ALA A 171 6.22 -4.63 2.15
C ALA A 171 5.44 -5.23 3.32
N PRO A 172 4.90 -4.36 4.19
CA PRO A 172 4.12 -4.75 5.37
C PRO A 172 3.09 -5.86 5.23
N THR A 173 2.35 -5.89 4.12
CA THR A 173 1.34 -6.93 3.96
C THR A 173 1.91 -8.29 3.56
N GLN A 174 3.08 -8.30 2.94
CA GLN A 174 3.70 -9.55 2.52
C GLN A 174 4.37 -10.28 3.68
N LYS A 175 3.73 -11.35 4.12
CA LYS A 175 4.22 -12.17 5.24
C LYS A 175 5.37 -13.14 5.01
N SER A 176 6.07 -13.42 6.09
CA SER A 176 7.20 -14.33 6.12
C SER A 176 6.90 -15.36 7.20
N ASP A 177 7.50 -16.54 7.09
CA ASP A 177 7.28 -17.59 8.07
C ASP A 177 8.15 -17.41 9.28
N GLY A 178 9.14 -16.55 9.15
CA GLY A 178 10.03 -16.29 10.27
C GLY A 178 11.27 -15.51 9.92
N PHE A 179 11.99 -15.14 10.97
CA PHE A 179 13.23 -14.42 10.85
C PHE A 179 14.30 -15.24 11.59
N ASN A 180 15.39 -15.54 10.91
CA ASN A 180 16.50 -16.29 11.52
C ASN A 180 17.68 -15.35 11.66
N TYR A 181 18.58 -15.67 12.59
CA TYR A 181 19.77 -14.85 12.77
C TYR A 181 20.85 -15.59 13.55
N ALA A 182 22.09 -15.17 13.31
CA ALA A 182 23.24 -15.71 13.99
C ALA A 182 24.18 -14.53 13.97
N GLY A 183 24.89 -14.33 15.07
CA GLY A 183 25.81 -13.22 15.14
C GLY A 183 26.89 -13.39 16.17
N ALA A 184 27.82 -12.44 16.20
CA ALA A 184 28.92 -12.48 17.15
C ALA A 184 29.43 -11.08 17.43
N GLU A 185 29.77 -10.88 18.70
CA GLU A 185 30.31 -9.61 19.15
C GLU A 185 31.53 -9.98 19.99
N TYR A 186 32.62 -9.24 19.78
CA TYR A 186 33.86 -9.46 20.50
C TYR A 186 34.31 -8.13 21.09
N ARG A 187 34.22 -8.02 22.42
CA ARG A 187 34.57 -6.80 23.11
C ARG A 187 36.05 -6.46 23.06
N PHE A 188 36.91 -7.24 23.70
CA PHE A 188 38.36 -6.98 23.69
C PHE A 188 38.84 -5.53 23.90
N ASN A 189 40.15 -5.41 24.09
CA ASN A 189 40.83 -4.13 24.37
C ASN A 189 40.55 -3.90 25.87
N ARG A 190 40.25 -2.67 26.27
CA ARG A 190 39.95 -2.46 27.67
C ARG A 190 38.47 -2.13 27.72
N GLU A 191 37.70 -2.88 26.96
CA GLU A 191 36.26 -2.71 26.83
C GLU A 191 36.01 -1.53 25.90
N ARG A 192 37.11 -0.93 25.44
CA ARG A 192 37.09 0.24 24.57
C ARG A 192 36.61 0.00 23.15
N THR A 193 36.95 -1.17 22.60
CA THR A 193 36.61 -1.50 21.22
C THR A 193 35.65 -2.70 21.17
N GLN A 194 35.10 -2.99 20.00
CA GLN A 194 34.20 -4.13 19.84
C GLN A 194 33.84 -4.38 18.39
N LEU A 195 33.87 -5.63 17.98
CA LEU A 195 33.52 -5.98 16.60
C LEU A 195 32.24 -6.79 16.56
N GLY A 196 31.53 -6.70 15.44
CA GLY A 196 30.31 -7.46 15.32
C GLY A 196 30.12 -7.92 13.89
N LEU A 197 29.53 -9.08 13.73
CA LEU A 197 29.23 -9.65 12.42
C LEU A 197 27.90 -10.34 12.60
N TRP A 198 26.89 -9.89 11.88
CA TRP A 198 25.58 -10.50 12.00
C TRP A 198 24.97 -10.82 10.66
N HIS A 199 24.27 -11.94 10.61
CA HIS A 199 23.62 -12.39 9.40
C HIS A 199 22.25 -12.84 9.79
N GLY A 200 21.23 -12.32 9.10
CA GLY A 200 19.86 -12.68 9.39
C GLY A 200 19.09 -12.95 8.11
N GLN A 201 17.91 -13.54 8.26
CA GLN A 201 17.06 -13.82 7.12
C GLN A 201 15.57 -13.87 7.44
N LEU A 202 14.81 -13.01 6.76
CA LEU A 202 13.37 -12.97 6.90
C LEU A 202 12.91 -13.87 5.76
N GLU A 203 12.69 -15.14 6.09
CA GLU A 203 12.30 -16.14 5.11
C GLU A 203 11.34 -15.68 4.01
N ASP A 204 11.76 -15.92 2.76
CA ASP A 204 11.02 -15.59 1.53
C ASP A 204 10.95 -14.10 1.28
N VAL A 205 11.66 -13.33 2.09
CA VAL A 205 11.63 -11.88 1.92
C VAL A 205 12.98 -11.27 1.65
N TYR A 206 13.89 -11.37 2.62
CA TYR A 206 15.22 -10.82 2.43
C TYR A 206 16.20 -11.44 3.40
N ARG A 207 17.49 -11.30 3.10
CA ARG A 207 18.52 -11.79 3.99
C ARG A 207 19.53 -10.65 4.08
N GLN A 208 20.08 -10.40 5.27
CA GLN A 208 21.04 -9.32 5.37
C GLN A 208 22.23 -9.61 6.27
N SER A 209 23.38 -9.07 5.86
CA SER A 209 24.63 -9.21 6.59
C SER A 209 25.02 -7.84 7.12
N TYR A 210 25.66 -7.83 8.28
CA TYR A 210 26.03 -6.58 8.95
C TYR A 210 27.39 -6.69 9.63
N ALA A 211 28.22 -5.68 9.41
CA ALA A 211 29.54 -5.63 10.01
C ALA A 211 29.59 -4.33 10.78
N ASN A 212 29.94 -4.41 12.06
CA ASN A 212 29.99 -3.22 12.91
C ASN A 212 31.25 -3.16 13.77
N LEU A 213 31.77 -1.94 13.90
CA LEU A 213 32.95 -1.67 14.72
C LEU A 213 32.60 -0.51 15.65
N LEU A 214 32.96 -0.63 16.92
CA LEU A 214 32.70 0.42 17.91
C LEU A 214 33.98 0.73 18.65
N HIS A 215 34.24 2.00 18.87
CA HIS A 215 35.43 2.38 19.60
C HIS A 215 35.14 3.66 20.33
N LYS A 216 35.44 3.68 21.62
CA LYS A 216 35.22 4.86 22.45
C LYS A 216 36.47 5.00 23.30
N GLN A 217 37.15 6.14 23.20
CA GLN A 217 38.36 6.35 23.97
C GLN A 217 38.55 7.79 24.40
N ARG A 218 39.10 7.99 25.58
CA ARG A 218 39.35 9.32 26.08
C ARG A 218 40.77 9.79 25.71
N VAL A 219 40.89 11.00 25.18
CA VAL A 219 42.19 11.55 24.81
C VAL A 219 42.30 12.97 25.30
N GLY A 220 42.84 13.14 26.51
CA GLY A 220 42.96 14.45 27.09
C GLY A 220 41.71 14.73 27.88
N ASP A 221 41.00 15.78 27.50
CA ASP A 221 39.77 16.15 28.18
C ASP A 221 38.53 15.59 27.50
N TRP A 222 38.68 15.18 26.25
CA TRP A 222 37.56 14.65 25.49
C TRP A 222 37.39 13.13 25.46
N THR A 223 36.16 12.71 25.20
CA THR A 223 35.85 11.30 25.06
C THR A 223 35.44 11.21 23.60
N LEU A 224 36.27 10.57 22.79
CA LEU A 224 35.99 10.45 21.37
C LEU A 224 35.46 9.08 21.01
N GLY A 225 34.29 9.05 20.39
CA GLY A 225 33.69 7.78 20.00
C GLY A 225 33.35 7.68 18.53
N ALA A 226 33.26 6.44 18.05
CA ALA A 226 32.94 6.16 16.65
C ALA A 226 32.16 4.85 16.53
N ASN A 227 31.07 4.88 15.77
CA ASN A 227 30.23 3.71 15.55
C ASN A 227 30.14 3.49 14.04
N LEU A 228 30.96 2.61 13.53
CA LEU A 228 30.95 2.36 12.10
C LEU A 228 30.19 1.07 11.75
N GLY A 229 29.19 1.20 10.88
CA GLY A 229 28.44 0.02 10.49
C GLY A 229 28.23 -0.14 8.99
N LEU A 230 28.06 -1.38 8.54
CA LEU A 230 27.79 -1.68 7.14
C LEU A 230 26.74 -2.80 6.98
N PHE A 231 25.72 -2.52 6.18
CA PHE A 231 24.65 -3.48 5.89
C PHE A 231 24.68 -3.86 4.40
N VAL A 232 24.19 -5.04 4.08
CA VAL A 232 24.11 -5.49 2.69
C VAL A 232 22.79 -6.25 2.66
N ASP A 233 21.89 -5.88 1.76
CA ASP A 233 20.60 -6.54 1.71
C ASP A 233 20.27 -7.22 0.39
N ARG A 234 19.85 -8.48 0.47
CA ARG A 234 19.49 -9.25 -0.71
C ARG A 234 18.12 -9.83 -0.51
N ASP A 235 17.33 -9.96 -1.57
CA ASP A 235 16.02 -10.57 -1.40
C ASP A 235 16.27 -12.07 -1.19
N ASP A 236 15.33 -12.73 -0.53
CA ASP A 236 15.46 -14.15 -0.21
C ASP A 236 14.32 -14.96 -0.81
N GLY A 237 14.59 -16.24 -1.12
CA GLY A 237 13.60 -17.14 -1.68
C GLY A 237 12.53 -16.65 -2.66
N ALA A 238 11.26 -16.72 -2.24
CA ALA A 238 10.14 -16.29 -3.07
C ALA A 238 10.15 -14.80 -3.40
N ALA A 239 11.09 -14.06 -2.80
CA ALA A 239 11.20 -12.62 -3.03
C ALA A 239 9.86 -11.91 -2.97
N ARG A 240 9.07 -12.24 -1.95
CA ARG A 240 7.75 -11.63 -1.78
C ARG A 240 7.76 -10.09 -1.71
N ALA A 241 8.92 -9.48 -1.51
CA ALA A 241 8.98 -8.02 -1.45
C ALA A 241 9.70 -7.46 -2.67
N GLY A 242 9.84 -8.28 -3.71
CA GLY A 242 10.51 -7.81 -4.92
C GLY A 242 12.01 -7.91 -4.90
N GLU A 243 12.64 -7.68 -6.04
CA GLU A 243 14.09 -7.73 -6.15
C GLU A 243 14.65 -6.80 -5.09
N ILE A 244 15.65 -7.26 -4.36
CA ILE A 244 16.28 -6.46 -3.31
C ILE A 244 17.79 -6.59 -3.34
N ASP A 245 18.44 -5.51 -3.73
CA ASP A 245 19.88 -5.44 -3.84
C ASP A 245 20.23 -4.05 -3.31
N SER A 246 20.90 -3.98 -2.16
CA SER A 246 21.25 -2.66 -1.62
C SER A 246 22.20 -2.73 -0.45
N HIS A 247 22.97 -1.66 -0.27
CA HIS A 247 23.92 -1.57 0.83
C HIS A 247 23.80 -0.24 1.56
N THR A 248 24.01 -0.27 2.87
CA THR A 248 23.94 0.93 3.71
C THR A 248 25.23 1.03 4.54
N VAL A 249 25.76 2.23 4.63
CA VAL A 249 26.97 2.49 5.39
C VAL A 249 26.76 3.74 6.23
N TYR A 250 27.25 3.72 7.46
CA TYR A 250 27.10 4.88 8.34
C TYR A 250 28.28 4.99 9.27
N GLY A 251 28.52 6.20 9.73
CA GLY A 251 29.60 6.45 10.65
C GLY A 251 29.11 7.51 11.60
N LEU A 252 28.79 7.13 12.83
CA LEU A 252 28.31 8.08 13.84
C LEU A 252 29.53 8.42 14.72
N PHE A 253 29.86 9.71 14.81
CA PHE A 253 31.02 10.11 15.64
C PHE A 253 30.62 11.01 16.79
N SER A 254 31.13 10.71 17.98
CA SER A 254 30.82 11.52 19.15
C SER A 254 32.07 12.17 19.71
N ALA A 255 31.88 13.34 20.33
CA ALA A 255 32.97 14.09 20.95
C ALA A 255 32.39 14.63 22.25
N GLY A 256 32.83 14.08 23.37
CA GLY A 256 32.31 14.54 24.64
C GLY A 256 33.34 15.20 25.52
N ILE A 257 32.91 16.22 26.25
CA ILE A 257 33.76 16.94 27.16
C ILE A 257 32.90 17.49 28.29
N GLY A 258 33.20 17.05 29.51
CA GLY A 258 32.43 17.49 30.64
C GLY A 258 30.96 17.14 30.48
N LEU A 259 30.13 18.17 30.55
CA LEU A 259 28.69 17.97 30.43
C LEU A 259 28.24 18.16 28.99
N HIS A 260 29.19 18.26 28.08
CA HIS A 260 28.86 18.44 26.65
C HIS A 260 29.15 17.22 25.81
N THR A 261 28.33 16.98 24.81
CA THR A 261 28.56 15.86 23.92
C THR A 261 28.14 16.30 22.54
N PHE A 262 29.02 16.12 21.58
CA PHE A 262 28.71 16.50 20.21
C PHE A 262 28.67 15.26 19.35
N TYR A 263 27.83 15.27 18.33
CA TYR A 263 27.75 14.13 17.43
C TYR A 263 27.69 14.53 15.96
N LEU A 264 28.41 13.79 15.12
CA LEU A 264 28.37 14.01 13.69
C LEU A 264 28.02 12.67 13.05
N GLY A 265 27.10 12.69 12.10
CA GLY A 265 26.69 11.48 11.42
C GLY A 265 26.69 11.59 9.91
N LEU A 266 27.32 10.63 9.25
CA LEU A 266 27.40 10.59 7.79
C LEU A 266 26.93 9.22 7.36
N GLN A 267 25.92 9.19 6.49
CA GLN A 267 25.32 7.93 6.04
C GLN A 267 24.95 7.92 4.56
N LYS A 268 25.05 6.75 3.95
CA LYS A 268 24.74 6.58 2.52
C LYS A 268 24.13 5.21 2.22
N VAL A 269 23.03 5.22 1.47
CA VAL A 269 22.33 4.00 1.06
C VAL A 269 22.59 3.78 -0.42
N GLY A 270 23.05 2.58 -0.79
CA GLY A 270 23.33 2.31 -2.18
C GLY A 270 22.66 1.05 -2.65
N GLY A 271 22.48 0.92 -3.97
CA GLY A 271 21.84 -0.26 -4.53
C GLY A 271 20.56 0.13 -5.24
N ASP A 272 19.77 -0.85 -5.64
CA ASP A 272 18.56 -0.53 -6.36
C ASP A 272 17.35 -0.33 -5.43
N SER A 273 17.40 -0.90 -4.24
CA SER A 273 16.31 -0.73 -3.26
C SER A 273 16.83 -0.12 -1.96
N GLY A 274 15.98 0.00 -0.95
CA GLY A 274 16.43 0.59 0.30
C GLY A 274 16.91 -0.40 1.34
N TRP A 275 17.28 0.12 2.51
CA TRP A 275 17.76 -0.68 3.64
C TRP A 275 16.62 -1.55 4.16
N GLN A 276 16.89 -2.80 4.50
CA GLN A 276 15.82 -3.68 4.98
C GLN A 276 15.70 -3.83 6.50
N SER A 277 14.57 -4.37 6.93
CA SER A 277 14.28 -4.57 8.35
C SER A 277 12.82 -4.99 8.59
N VAL A 278 12.59 -5.54 9.78
CA VAL A 278 11.28 -6.03 10.15
C VAL A 278 10.23 -4.96 10.51
N TYR A 279 9.11 -5.03 9.79
CA TYR A 279 8.00 -4.13 10.01
C TYR A 279 7.66 -4.12 11.51
N GLY A 280 7.59 -2.92 12.07
CA GLY A 280 7.29 -2.77 13.48
C GLY A 280 8.53 -2.48 14.28
N SER A 281 9.66 -3.03 13.86
CA SER A 281 10.93 -2.83 14.56
C SER A 281 11.43 -1.39 14.47
N SER A 282 12.42 -1.07 15.31
CA SER A 282 13.02 0.25 15.38
C SER A 282 14.24 0.37 14.47
N GLY A 283 14.47 1.58 13.96
CA GLY A 283 15.61 1.82 13.11
C GLY A 283 16.81 2.22 13.96
N ARG A 284 16.61 2.23 15.28
CA ARG A 284 17.64 2.60 16.24
C ARG A 284 19.02 1.99 15.93
N SER A 285 19.05 0.97 15.07
CA SER A 285 20.33 0.34 14.75
C SER A 285 21.12 1.12 13.70
N MET A 286 20.46 2.05 13.01
CA MET A 286 21.07 2.88 11.96
C MET A 286 21.70 4.17 12.46
N GLY A 287 22.90 4.43 11.98
CA GLY A 287 23.63 5.62 12.35
C GLY A 287 22.83 6.90 12.51
N ASN A 288 22.13 7.30 11.46
CA ASN A 288 21.36 8.55 11.49
C ASN A 288 19.89 8.40 11.85
N ASP A 289 19.56 7.39 12.65
CA ASP A 289 18.18 7.16 13.04
C ASP A 289 17.67 8.25 13.98
N MET A 290 16.51 8.79 13.67
CA MET A 290 15.92 9.83 14.50
C MET A 290 14.49 9.44 14.88
N PHE A 291 13.85 10.25 15.71
CA PHE A 291 12.48 10.01 16.15
C PHE A 291 11.55 9.38 15.12
N ASN A 292 11.28 10.10 14.03
CA ASN A 292 10.35 9.59 13.02
C ASN A 292 10.99 9.03 11.76
N GLY A 293 12.13 8.38 11.91
CA GLY A 293 12.76 7.79 10.76
C GLY A 293 14.26 7.95 10.71
N ASN A 294 14.90 7.13 9.90
CA ASN A 294 16.32 7.24 9.68
C ASN A 294 16.31 7.80 8.29
N PHE A 295 17.39 7.62 7.53
CA PHE A 295 17.39 8.15 6.19
C PHE A 295 17.87 7.02 5.32
N THR A 296 17.04 6.00 5.24
CA THR A 296 17.38 4.80 4.50
C THR A 296 16.60 4.52 3.22
N ASN A 297 16.05 5.53 2.59
CA ASN A 297 15.36 5.30 1.34
C ASN A 297 16.40 4.81 0.33
N ALA A 298 15.99 4.50 -0.90
CA ALA A 298 16.94 4.04 -1.89
C ALA A 298 17.80 5.21 -2.42
N ASP A 299 19.12 5.00 -2.37
CA ASP A 299 20.10 5.99 -2.84
C ASP A 299 20.23 7.25 -1.97
N GLU A 300 19.64 7.23 -0.77
CA GLU A 300 19.67 8.40 0.11
C GLU A 300 20.98 8.66 0.84
N ARG A 301 21.45 9.91 0.72
CA ARG A 301 22.70 10.35 1.35
C ARG A 301 22.29 11.28 2.48
N SER A 302 22.88 11.09 3.65
CA SER A 302 22.50 11.96 4.77
C SER A 302 23.59 12.29 5.76
N TRP A 303 23.35 13.36 6.50
CA TRP A 303 24.28 13.80 7.53
C TRP A 303 23.47 14.35 8.69
N GLN A 304 24.08 14.33 9.86
CA GLN A 304 23.42 14.80 11.07
C GLN A 304 24.39 15.42 12.05
N VAL A 305 23.85 16.25 12.94
CA VAL A 305 24.63 16.90 13.97
C VAL A 305 23.76 16.85 15.22
N ARG A 306 24.37 16.56 16.36
CA ARG A 306 23.62 16.47 17.59
C ARG A 306 24.40 17.04 18.75
N TYR A 307 23.67 17.67 19.67
CA TYR A 307 24.25 18.26 20.88
C TYR A 307 23.41 17.84 22.11
N ASP A 308 24.08 17.24 23.11
CA ASP A 308 23.46 16.79 24.36
C ASP A 308 24.06 17.59 25.52
N TYR A 309 23.26 17.94 26.52
CA TYR A 309 23.77 18.70 27.66
C TYR A 309 23.21 18.27 29.00
N ASP A 310 24.08 18.16 30.00
CA ASP A 310 23.70 17.77 31.35
C ASP A 310 23.40 19.04 32.15
N PHE A 311 22.12 19.40 32.23
CA PHE A 311 21.70 20.60 32.96
C PHE A 311 22.10 20.67 34.44
N VAL A 312 22.92 19.72 34.87
CA VAL A 312 23.37 19.75 36.25
C VAL A 312 24.29 20.99 36.34
N GLY A 313 24.91 21.31 35.21
CA GLY A 313 25.80 22.46 35.14
C GLY A 313 25.13 23.78 35.45
N LEU A 314 23.81 23.80 35.38
CA LEU A 314 23.05 25.01 35.67
C LEU A 314 22.26 24.88 36.97
N GLY A 315 22.52 23.80 37.71
CA GLY A 315 21.83 23.58 38.97
C GLY A 315 20.53 22.81 38.88
N TRP A 316 20.26 22.19 37.72
CA TRP A 316 19.04 21.41 37.55
C TRP A 316 19.45 19.94 37.34
N PRO A 317 20.08 19.34 38.37
CA PRO A 317 20.59 17.96 38.44
C PRO A 317 19.76 16.75 37.99
N GLY A 318 18.63 16.96 37.33
CA GLY A 318 17.88 15.79 36.88
C GLY A 318 17.48 15.94 35.42
N LEU A 319 17.66 17.16 34.93
CA LEU A 319 17.32 17.58 33.57
C LEU A 319 18.48 17.46 32.57
N ILE A 320 18.22 16.79 31.45
CA ILE A 320 19.23 16.65 30.40
C ILE A 320 18.53 16.94 29.08
N GLY A 321 19.24 17.53 28.11
CA GLY A 321 18.59 17.85 26.86
C GLY A 321 19.33 17.51 25.58
N MET A 322 18.58 17.37 24.49
CA MET A 322 19.13 17.07 23.18
C MET A 322 18.50 17.86 22.03
N VAL A 323 19.31 18.10 21.00
CA VAL A 323 18.92 18.78 19.79
C VAL A 323 19.70 18.14 18.65
N ARG A 324 19.00 17.58 17.68
CA ARG A 324 19.70 16.98 16.56
C ARG A 324 18.97 17.33 15.28
N TYR A 325 19.75 17.55 14.23
CA TYR A 325 19.23 17.91 12.93
C TYR A 325 19.79 16.91 11.94
N GLY A 326 18.94 16.40 11.06
CA GLY A 326 19.39 15.45 10.08
C GLY A 326 18.82 15.87 8.74
N HIS A 327 19.60 15.71 7.68
CA HIS A 327 19.16 16.08 6.33
C HIS A 327 19.37 14.91 5.40
N GLY A 328 18.35 14.58 4.61
CA GLY A 328 18.48 13.47 3.68
C GLY A 328 18.54 13.95 2.26
N SER A 329 19.16 13.19 1.38
CA SER A 329 19.28 13.63 0.00
C SER A 329 19.37 12.49 -1.04
N ASN A 330 19.19 12.85 -2.31
CA ASN A 330 19.29 11.92 -3.44
C ASN A 330 18.39 10.69 -3.31
N ALA A 331 17.40 10.78 -2.44
CA ALA A 331 16.48 9.67 -2.19
C ALA A 331 15.53 9.37 -3.33
N THR A 332 15.48 8.10 -3.75
CA THR A 332 14.57 7.73 -4.81
C THR A 332 13.42 6.96 -4.17
N THR A 333 12.19 7.33 -4.48
CA THR A 333 11.03 6.67 -3.91
C THR A 333 9.94 6.56 -4.97
N LYS A 334 8.73 6.19 -4.54
CA LYS A 334 7.62 6.05 -5.45
C LYS A 334 7.07 7.42 -5.85
N ALA A 335 7.81 8.46 -5.52
CA ALA A 335 7.40 9.82 -5.83
C ALA A 335 8.40 10.49 -6.77
N GLY A 336 9.54 9.83 -6.99
CA GLY A 336 10.55 10.38 -7.88
C GLY A 336 11.99 10.12 -7.44
N SER A 337 12.91 10.91 -7.97
CA SER A 337 14.33 10.78 -7.64
C SER A 337 14.85 12.12 -7.15
N GLY A 338 16.01 12.10 -6.50
CA GLY A 338 16.57 13.33 -6.00
C GLY A 338 15.75 13.88 -4.85
N GLY A 339 15.01 12.99 -4.19
CA GLY A 339 14.18 13.39 -3.07
C GLY A 339 15.03 13.93 -1.93
N LYS A 340 14.50 14.94 -1.25
CA LYS A 340 15.20 15.58 -0.13
C LYS A 340 14.33 15.53 1.12
N GLU A 341 14.96 15.70 2.28
CA GLU A 341 14.23 15.67 3.55
C GLU A 341 15.10 16.02 4.76
N TRP A 342 14.47 16.51 5.82
CA TRP A 342 15.17 16.85 7.05
C TRP A 342 14.28 16.67 8.27
N GLU A 343 14.89 16.34 9.41
CA GLU A 343 14.14 16.17 10.65
C GLU A 343 14.86 16.90 11.80
N ARG A 344 14.09 17.61 12.60
CA ARG A 344 14.64 18.35 13.71
C ARG A 344 14.00 17.74 14.94
N ASP A 345 14.84 17.33 15.90
CA ASP A 345 14.39 16.71 17.13
C ASP A 345 14.92 17.43 18.35
N VAL A 346 14.02 17.79 19.26
CA VAL A 346 14.41 18.45 20.50
C VAL A 346 13.74 17.75 21.67
N GLU A 347 14.53 17.36 22.67
CA GLU A 347 13.96 16.69 23.83
C GLU A 347 14.54 17.16 25.15
N LEU A 348 13.66 17.38 26.13
CA LEU A 348 14.07 17.75 27.47
C LEU A 348 13.57 16.62 28.34
N GLY A 349 14.45 16.03 29.12
CA GLY A 349 14.06 14.94 29.98
C GLY A 349 14.56 15.16 31.39
N TYR A 350 13.62 15.26 32.33
CA TYR A 350 13.98 15.46 33.72
C TYR A 350 13.72 14.21 34.57
N THR A 351 14.67 13.84 35.42
CA THR A 351 14.49 12.67 36.29
C THR A 351 14.66 13.07 37.75
N VAL A 352 13.57 13.04 38.52
CA VAL A 352 13.65 13.38 39.94
C VAL A 352 14.76 12.50 40.55
N GLN A 353 15.79 13.15 41.08
CA GLN A 353 16.95 12.47 41.66
C GLN A 353 16.76 11.87 43.04
N SER A 354 15.89 12.47 43.84
CA SER A 354 15.67 12.00 45.20
C SER A 354 14.28 12.39 45.70
N GLY A 355 14.00 12.08 46.96
CA GLY A 355 12.71 12.41 47.54
C GLY A 355 11.64 11.36 47.32
N PRO A 356 10.38 11.68 47.62
CA PRO A 356 9.28 10.73 47.45
C PRO A 356 9.01 10.37 45.99
N LEU A 357 9.23 11.32 45.08
CA LEU A 357 8.99 11.07 43.66
C LEU A 357 10.27 10.75 42.90
N ALA A 358 11.29 10.30 43.62
CA ALA A 358 12.57 9.94 42.98
C ALA A 358 12.36 8.88 41.91
N ARG A 359 13.15 8.96 40.85
CA ARG A 359 13.08 8.04 39.72
C ARG A 359 11.97 8.43 38.74
N LEU A 360 10.98 9.19 39.22
CA LEU A 360 9.89 9.64 38.36
C LEU A 360 10.55 10.29 37.15
N ASN A 361 9.98 10.05 35.97
CA ASN A 361 10.59 10.61 34.78
C ASN A 361 9.61 11.37 33.90
N VAL A 362 10.06 12.51 33.39
CA VAL A 362 9.26 13.36 32.55
C VAL A 362 10.02 13.78 31.30
N ARG A 363 9.53 13.34 30.15
CA ARG A 363 10.15 13.66 28.88
C ARG A 363 9.19 14.39 27.95
N LEU A 364 9.61 15.58 27.53
CA LEU A 364 8.85 16.44 26.61
C LEU A 364 9.73 16.57 25.38
N ASN A 365 9.21 16.23 24.20
CA ASN A 365 10.02 16.37 23.02
C ASN A 365 9.22 16.92 21.84
N HIS A 366 9.94 17.34 20.82
CA HIS A 366 9.32 17.89 19.64
C HIS A 366 10.08 17.47 18.39
N ALA A 367 9.37 17.38 17.28
CA ALA A 367 10.00 16.97 16.07
C ALA A 367 9.40 17.67 14.85
N SER A 368 10.26 17.97 13.88
CA SER A 368 9.80 18.60 12.66
C SER A 368 10.28 17.73 11.49
N ASN A 369 9.34 17.35 10.64
CA ASN A 369 9.70 16.51 9.51
C ASN A 369 9.21 17.11 8.23
N ARG A 370 10.11 17.24 7.26
CA ARG A 370 9.75 17.78 5.97
C ARG A 370 10.25 16.82 4.88
N ARG A 371 9.38 16.54 3.91
CA ARG A 371 9.73 15.64 2.82
C ARG A 371 9.16 16.04 1.46
N SER A 372 10.00 15.93 0.43
CA SER A 372 9.62 16.24 -0.94
C SER A 372 8.66 15.19 -1.43
N PHE A 373 8.89 13.96 -0.96
CA PHE A 373 8.13 12.79 -1.36
C PHE A 373 7.08 12.28 -0.37
N ASN A 374 6.65 13.10 0.58
CA ASN A 374 5.63 12.65 1.52
C ASN A 374 5.15 13.79 2.40
N SER A 375 4.19 13.49 3.26
CA SER A 375 3.58 14.46 4.17
C SER A 375 4.50 15.16 5.15
N ASP A 376 4.36 16.47 5.26
CA ASP A 376 5.16 17.24 6.19
C ASP A 376 4.33 17.38 7.46
N PHE A 377 4.99 17.51 8.60
CA PHE A 377 4.27 17.64 9.86
C PHE A 377 5.19 17.95 11.03
N ASP A 378 4.58 18.22 12.18
CA ASP A 378 5.31 18.49 13.40
C ASP A 378 4.76 17.56 14.47
N GLN A 379 5.57 17.30 15.50
CA GLN A 379 5.14 16.38 16.52
C GLN A 379 5.62 16.74 17.93
N THR A 380 4.70 16.71 18.88
CA THR A 380 5.03 17.01 20.27
C THR A 380 4.66 15.80 21.12
N ARG A 381 5.45 15.51 22.15
CA ARG A 381 5.16 14.38 23.02
C ARG A 381 5.57 14.67 24.48
N LEU A 382 4.66 14.33 25.39
CA LEU A 382 4.91 14.47 26.82
C LEU A 382 4.76 13.06 27.36
N VAL A 383 5.80 12.53 27.97
CA VAL A 383 5.72 11.18 28.51
C VAL A 383 6.19 11.13 29.96
N VAL A 384 5.27 10.87 30.87
CA VAL A 384 5.59 10.77 32.28
C VAL A 384 5.59 9.29 32.62
N SER A 385 6.68 8.82 33.19
CA SER A 385 6.80 7.41 33.56
C SER A 385 7.29 7.26 34.97
N TYR A 386 6.80 6.23 35.65
CA TYR A 386 7.21 5.98 37.02
C TYR A 386 7.56 4.51 37.17
N PRO A 387 8.77 4.24 37.65
CA PRO A 387 9.26 2.89 37.86
C PRO A 387 9.11 2.39 39.29
N LEU A 388 8.61 1.17 39.43
CA LEU A 388 8.43 0.52 40.72
C LEU A 388 9.07 -0.86 40.57
N SER A 389 9.89 -1.27 41.54
CA SER A 389 10.54 -2.57 41.44
C SER A 389 10.66 -3.30 42.77
N TRP A 390 10.70 -4.62 42.71
CA TRP A 390 10.81 -5.42 43.91
C TRP A 390 11.87 -6.49 43.75
N PHE B 5 -15.33 -18.95 5.37
CA PHE B 5 -16.51 -18.58 4.53
C PHE B 5 -17.19 -17.34 5.11
N LEU B 6 -17.21 -17.25 6.43
CA LEU B 6 -17.83 -16.10 7.09
C LEU B 6 -16.78 -15.18 7.72
N GLU B 7 -15.70 -15.76 8.25
CA GLU B 7 -14.63 -14.97 8.88
C GLU B 7 -14.46 -13.75 7.98
N ASP B 8 -13.86 -13.98 6.82
CA ASP B 8 -13.67 -12.95 5.85
C ASP B 8 -14.96 -13.12 5.08
N ALA B 9 -15.51 -12.04 4.57
CA ALA B 9 -16.76 -12.07 3.82
C ALA B 9 -17.29 -10.66 3.86
N LYS B 10 -17.31 -10.00 2.73
CA LYS B 10 -17.78 -8.64 2.69
C LYS B 10 -19.10 -8.49 1.95
N THR B 11 -19.80 -7.42 2.29
CA THR B 11 -21.06 -7.06 1.67
C THR B 11 -20.86 -5.58 1.38
N ASP B 12 -21.20 -5.19 0.16
CA ASP B 12 -21.05 -3.81 -0.23
C ASP B 12 -22.33 -3.31 -0.85
N LEU B 13 -22.88 -2.26 -0.26
CA LEU B 13 -24.11 -1.67 -0.77
C LEU B 13 -23.76 -0.25 -1.16
N VAL B 14 -23.94 0.05 -2.44
CA VAL B 14 -23.66 1.39 -2.92
C VAL B 14 -24.99 2.04 -3.29
N LEU B 15 -25.20 3.26 -2.81
CA LEU B 15 -26.40 4.01 -3.14
C LEU B 15 -25.95 4.99 -4.21
N ARG B 16 -26.57 4.90 -5.38
CA ARG B 16 -26.20 5.74 -6.51
C ARG B 16 -27.38 6.56 -7.06
N ASN B 17 -27.33 7.88 -6.90
CA ASN B 17 -28.38 8.75 -7.43
C ASN B 17 -27.81 9.38 -8.69
N TYR B 18 -28.47 9.17 -9.80
CA TYR B 18 -27.98 9.62 -11.09
C TYR B 18 -28.88 10.61 -11.82
N TYR B 19 -28.33 11.76 -12.18
CA TYR B 19 -29.07 12.77 -12.93
C TYR B 19 -28.45 12.92 -14.32
N PHE B 20 -29.09 12.32 -15.32
CA PHE B 20 -28.63 12.33 -16.71
C PHE B 20 -29.36 13.39 -17.52
N ASN B 21 -28.61 14.10 -18.35
CA ASN B 21 -29.20 15.14 -19.19
C ASN B 21 -28.43 15.28 -20.50
N ARG B 22 -29.12 15.02 -21.60
CA ARG B 22 -28.49 15.13 -22.91
C ARG B 22 -29.35 16.03 -23.78
N ASP B 23 -28.80 17.17 -24.17
CA ASP B 23 -29.50 18.14 -24.99
C ASP B 23 -28.86 18.40 -26.36
N PHE B 24 -29.57 17.98 -27.42
CA PHE B 24 -29.12 18.15 -28.77
C PHE B 24 -29.26 19.59 -29.21
N LEU B 33 -34.85 17.20 -26.11
CA LEU B 33 -34.31 17.20 -24.76
C LEU B 33 -34.33 15.80 -24.19
N VAL B 34 -33.38 15.50 -23.30
CA VAL B 34 -33.29 14.19 -22.68
C VAL B 34 -32.94 14.42 -21.21
N ASP B 35 -33.96 14.45 -20.37
CA ASP B 35 -33.77 14.71 -18.96
C ASP B 35 -34.24 13.56 -18.06
N GLU B 36 -33.29 12.78 -17.56
CA GLU B 36 -33.59 11.65 -16.69
C GLU B 36 -33.02 11.81 -15.28
N TRP B 37 -33.62 11.07 -14.35
CA TRP B 37 -33.19 11.08 -12.96
C TRP B 37 -33.67 9.76 -12.35
N ALA B 38 -32.81 9.12 -11.57
CA ALA B 38 -33.17 7.85 -10.95
C ALA B 38 -32.27 7.49 -9.79
N GLN B 39 -32.69 6.47 -9.04
CA GLN B 39 -31.93 6.00 -7.91
C GLN B 39 -31.61 4.53 -8.10
N GLY B 40 -30.38 4.15 -7.80
CA GLY B 40 -29.98 2.77 -7.94
C GLY B 40 -29.35 2.20 -6.69
N PHE B 41 -29.42 0.88 -6.57
CA PHE B 41 -28.84 0.20 -5.42
C PHE B 41 -28.00 -0.97 -5.93
N ILE B 42 -26.73 -1.01 -5.55
CA ILE B 42 -25.88 -2.10 -6.00
C ILE B 42 -25.34 -2.85 -4.79
N LEU B 43 -25.95 -3.99 -4.47
CA LEU B 43 -25.52 -4.79 -3.33
C LEU B 43 -24.58 -5.90 -3.82
N LYS B 44 -23.39 -5.96 -3.23
CA LYS B 44 -22.42 -6.97 -3.65
C LYS B 44 -21.94 -7.80 -2.48
N PHE B 45 -22.17 -9.10 -2.56
CA PHE B 45 -21.74 -10.00 -1.51
C PHE B 45 -20.57 -10.81 -2.02
N SER B 46 -19.64 -11.12 -1.12
CA SER B 46 -18.47 -11.88 -1.50
C SER B 46 -17.96 -12.64 -0.29
N SER B 47 -18.27 -13.92 -0.23
CA SER B 47 -17.86 -14.78 0.89
C SER B 47 -16.35 -14.96 0.93
N GLY B 48 -15.89 -15.70 1.93
CA GLY B 48 -14.47 -15.97 2.06
C GLY B 48 -14.16 -17.25 1.31
N TYR B 49 -13.45 -18.17 1.96
CA TYR B 49 -13.12 -19.43 1.32
C TYR B 49 -13.07 -20.53 2.37
N THR B 50 -13.68 -21.67 2.05
CA THR B 50 -13.66 -22.78 2.98
C THR B 50 -12.21 -23.22 3.11
N PRO B 51 -11.72 -23.35 4.34
CA PRO B 51 -10.33 -23.76 4.56
C PRO B 51 -10.07 -25.09 3.87
N GLY B 52 -8.83 -25.31 3.47
CA GLY B 52 -8.46 -26.56 2.81
C GLY B 52 -7.75 -26.40 1.50
N THR B 53 -7.28 -27.51 0.95
CA THR B 53 -6.57 -27.52 -0.32
C THR B 53 -7.34 -26.80 -1.41
N VAL B 54 -8.64 -27.05 -1.49
CA VAL B 54 -9.50 -26.41 -2.49
C VAL B 54 -10.56 -25.58 -1.78
N GLY B 55 -10.32 -24.27 -1.66
CA GLY B 55 -11.29 -23.41 -1.00
C GLY B 55 -12.51 -23.20 -1.88
N VAL B 56 -13.69 -23.17 -1.27
CA VAL B 56 -14.94 -22.99 -2.02
C VAL B 56 -15.69 -21.79 -1.47
N GLY B 57 -16.16 -20.93 -2.36
CA GLY B 57 -16.87 -19.74 -1.94
C GLY B 57 -18.04 -19.40 -2.85
N LEU B 58 -18.71 -18.29 -2.55
CA LEU B 58 -19.86 -17.88 -3.34
C LEU B 58 -20.02 -16.37 -3.30
N ASP B 59 -20.19 -15.76 -4.47
CA ASP B 59 -20.42 -14.31 -4.56
C ASP B 59 -21.83 -14.11 -5.09
N ALA B 60 -22.31 -12.89 -5.00
CA ALA B 60 -23.63 -12.57 -5.50
C ALA B 60 -23.79 -11.06 -5.64
N ILE B 61 -24.63 -10.66 -6.57
CA ILE B 61 -24.88 -9.26 -6.82
C ILE B 61 -26.39 -9.06 -6.94
N GLY B 62 -26.85 -7.94 -6.39
CA GLY B 62 -28.26 -7.61 -6.45
C GLY B 62 -28.30 -6.23 -7.06
N LEU B 63 -29.12 -6.04 -8.09
CA LEU B 63 -29.23 -4.75 -8.76
C LEU B 63 -30.65 -4.28 -8.76
N PHE B 64 -30.88 -3.05 -8.34
CA PHE B 64 -32.22 -2.49 -8.34
C PHE B 64 -32.20 -1.01 -8.70
N GLY B 65 -33.16 -0.59 -9.54
CA GLY B 65 -33.20 0.80 -9.96
C GLY B 65 -34.60 1.39 -9.94
N VAL B 66 -34.72 2.62 -9.41
CA VAL B 66 -36.02 3.29 -9.30
C VAL B 66 -36.05 4.61 -10.05
N LYS B 67 -36.99 4.72 -10.99
CA LYS B 67 -37.16 5.93 -11.78
C LYS B 67 -37.72 7.02 -10.90
N LEU B 68 -37.41 8.27 -11.21
CA LEU B 68 -37.93 9.38 -10.41
C LEU B 68 -37.81 10.75 -11.02
N ASN B 69 -38.92 11.23 -11.58
CA ASN B 69 -38.99 12.55 -12.20
C ASN B 69 -40.35 12.76 -12.84
N ASN B 76 -36.18 9.30 -22.93
CA ASN B 76 -36.08 7.96 -23.48
C ASN B 76 -34.82 7.22 -23.01
N SER B 77 -35.06 6.17 -22.22
CA SER B 77 -34.04 5.30 -21.62
C SER B 77 -32.57 5.68 -21.65
N GLU B 78 -31.95 5.48 -20.50
CA GLU B 78 -30.54 5.74 -20.28
C GLU B 78 -30.24 4.95 -19.03
N LEU B 79 -31.03 5.22 -18.00
CA LEU B 79 -30.88 4.56 -16.70
C LEU B 79 -31.91 3.45 -16.48
N LEU B 80 -32.97 3.46 -17.29
CA LEU B 80 -34.04 2.47 -17.16
C LEU B 80 -34.38 1.81 -18.49
N PRO B 81 -34.83 0.54 -18.46
CA PRO B 81 -35.17 -0.16 -19.70
C PRO B 81 -36.49 0.35 -20.28
N LEU B 82 -36.41 1.03 -21.42
CA LEU B 82 -37.59 1.55 -22.09
C LEU B 82 -38.61 0.45 -22.37
N HIS B 83 -39.82 0.59 -21.83
CA HIS B 83 -40.86 -0.42 -22.05
C HIS B 83 -42.11 0.19 -22.66
N ALA B 88 -40.44 4.29 -20.43
CA ALA B 88 -39.84 4.86 -19.23
C ALA B 88 -40.22 4.02 -18.00
N ALA B 89 -39.63 2.82 -17.89
CA ALA B 89 -39.90 1.91 -16.77
C ALA B 89 -39.95 2.60 -15.42
N ASP B 90 -40.71 2.01 -14.49
CA ASP B 90 -40.86 2.53 -13.13
C ASP B 90 -39.62 2.14 -12.33
N ASN B 91 -39.18 0.90 -12.54
CA ASN B 91 -38.01 0.37 -11.86
C ASN B 91 -37.59 -0.95 -12.52
N TYR B 92 -36.60 -1.63 -11.94
CA TYR B 92 -36.12 -2.89 -12.49
C TYR B 92 -34.89 -3.38 -11.72
N GLY B 93 -34.62 -4.67 -11.77
CA GLY B 93 -33.47 -5.19 -11.06
C GLY B 93 -33.18 -6.65 -11.30
N ARG B 94 -32.14 -7.17 -10.64
CA ARG B 94 -31.74 -8.58 -10.76
C ARG B 94 -30.92 -9.02 -9.58
N VAL B 95 -30.69 -10.32 -9.51
CA VAL B 95 -29.89 -10.94 -8.47
C VAL B 95 -29.16 -12.09 -9.15
N GLY B 96 -27.84 -12.08 -9.08
CA GLY B 96 -27.07 -13.14 -9.72
C GLY B 96 -26.01 -13.67 -8.78
N VAL B 97 -25.89 -14.99 -8.73
CA VAL B 97 -24.91 -15.62 -7.88
C VAL B 97 -23.79 -16.19 -8.74
N ALA B 98 -22.71 -16.63 -8.11
CA ALA B 98 -21.57 -17.20 -8.80
C ALA B 98 -20.74 -18.01 -7.81
N ALA B 99 -20.42 -19.24 -8.15
CA ALA B 99 -19.63 -20.09 -7.28
C ALA B 99 -18.13 -19.85 -7.48
N LYS B 100 -17.36 -20.06 -6.42
CA LYS B 100 -15.93 -19.85 -6.47
C LYS B 100 -15.12 -21.04 -6.02
N LEU B 101 -14.04 -21.32 -6.76
CA LEU B 101 -13.14 -22.41 -6.42
C LEU B 101 -11.74 -21.82 -6.42
N ARG B 102 -10.91 -22.20 -5.46
CA ARG B 102 -9.56 -21.69 -5.41
C ARG B 102 -8.54 -22.75 -4.98
N VAL B 103 -7.52 -22.95 -5.80
CA VAL B 103 -6.48 -23.92 -5.48
C VAL B 103 -5.09 -23.33 -5.73
N SER B 104 -4.42 -22.97 -4.64
CA SER B 104 -3.08 -22.38 -4.71
C SER B 104 -3.20 -20.98 -5.27
N ALA B 105 -2.57 -20.75 -6.42
CA ALA B 105 -2.60 -19.45 -7.06
C ALA B 105 -3.41 -19.52 -8.35
N SER B 106 -4.67 -19.93 -8.21
CA SER B 106 -5.59 -20.03 -9.35
C SER B 106 -6.99 -19.91 -8.77
N GLU B 107 -7.92 -19.45 -9.60
CA GLU B 107 -9.30 -19.26 -9.16
C GLU B 107 -10.29 -19.44 -10.30
N LEU B 108 -11.40 -20.10 -10.02
CA LEU B 108 -12.43 -20.32 -11.02
C LEU B 108 -13.75 -19.81 -10.44
N LYS B 109 -14.46 -19.03 -11.25
CA LYS B 109 -15.77 -18.51 -10.88
C LYS B 109 -16.76 -18.97 -11.95
N ILE B 110 -17.94 -19.38 -11.50
CA ILE B 110 -18.97 -19.86 -12.42
C ILE B 110 -20.24 -19.13 -12.04
N GLY B 111 -20.90 -18.55 -13.04
CA GLY B 111 -22.13 -17.84 -12.75
C GLY B 111 -22.15 -16.44 -13.34
N GLU B 112 -22.79 -15.51 -12.62
CA GLU B 112 -22.89 -14.14 -13.06
C GLU B 112 -21.82 -13.31 -12.35
N MET B 113 -21.04 -12.58 -13.13
CA MET B 113 -19.96 -11.75 -12.59
C MET B 113 -19.74 -10.47 -13.42
N LEU B 114 -18.68 -9.73 -13.12
CA LEU B 114 -18.39 -8.49 -13.83
C LEU B 114 -17.04 -8.53 -14.54
N PRO B 115 -16.98 -9.20 -15.70
CA PRO B 115 -15.75 -9.31 -16.49
C PRO B 115 -15.10 -7.95 -16.68
N ASP B 116 -13.81 -7.85 -16.41
CA ASP B 116 -13.12 -6.57 -16.57
C ASP B 116 -11.76 -6.73 -17.26
N ILE B 117 -11.76 -7.33 -18.44
CA ILE B 117 -10.53 -7.56 -19.19
C ILE B 117 -10.37 -6.66 -20.41
N PRO B 118 -9.15 -6.63 -20.99
CA PRO B 118 -8.86 -5.81 -22.17
C PRO B 118 -9.89 -6.00 -23.29
N LEU B 119 -10.23 -7.25 -23.58
CA LEU B 119 -11.17 -7.57 -24.65
C LEU B 119 -12.64 -7.65 -24.29
N LEU B 120 -12.99 -7.20 -23.09
CA LEU B 120 -14.38 -7.19 -22.63
C LEU B 120 -14.43 -6.48 -21.30
N ARG B 121 -14.65 -5.17 -21.35
CA ARG B 121 -14.72 -4.35 -20.14
C ARG B 121 -16.19 -4.07 -19.84
N TYR B 122 -16.70 -4.70 -18.79
CA TYR B 122 -18.11 -4.49 -18.42
C TYR B 122 -18.38 -3.01 -18.23
N ASP B 123 -19.58 -2.59 -18.60
CA ASP B 123 -19.97 -1.20 -18.51
C ASP B 123 -20.65 -0.78 -17.22
N ASP B 124 -20.35 0.42 -16.77
CA ASP B 124 -20.94 0.95 -15.56
C ASP B 124 -20.99 2.48 -15.62
N GLY B 125 -21.28 3.01 -16.82
CA GLY B 125 -21.35 4.44 -17.00
C GLY B 125 -22.77 4.93 -16.88
N ARG B 126 -23.63 4.14 -16.24
CA ARG B 126 -25.03 4.50 -16.06
C ARG B 126 -25.51 4.12 -14.65
N LEU B 127 -26.80 3.84 -14.46
CA LEU B 127 -27.31 3.52 -13.13
C LEU B 127 -26.89 2.18 -12.53
N LEU B 128 -27.15 1.08 -13.23
CA LEU B 128 -26.77 -0.24 -12.74
C LEU B 128 -25.72 -0.83 -13.67
N PRO B 129 -24.89 -1.75 -13.17
CA PRO B 129 -23.81 -2.40 -13.91
C PRO B 129 -24.18 -3.40 -15.02
N GLN B 130 -23.38 -3.45 -16.08
CA GLN B 130 -23.61 -4.43 -17.11
C GLN B 130 -23.14 -5.74 -16.47
N THR B 131 -23.85 -6.83 -16.72
CA THR B 131 -23.41 -8.08 -16.12
C THR B 131 -23.37 -9.22 -17.14
N PHE B 132 -22.39 -10.12 -16.97
CA PHE B 132 -22.21 -11.26 -17.86
C PHE B 132 -22.37 -12.60 -17.14
N ARG B 133 -22.68 -13.65 -17.89
CA ARG B 133 -22.84 -14.96 -17.30
C ARG B 133 -21.99 -16.00 -18.01
N GLY B 134 -21.30 -16.82 -17.22
CA GLY B 134 -20.44 -17.85 -17.76
C GLY B 134 -19.37 -18.20 -16.75
N PHE B 135 -18.14 -18.45 -17.20
CA PHE B 135 -17.06 -18.79 -16.28
C PHE B 135 -15.72 -18.17 -16.69
N ALA B 136 -14.83 -18.04 -15.72
CA ALA B 136 -13.51 -17.46 -15.96
C ALA B 136 -12.50 -18.09 -15.01
N VAL B 137 -11.22 -18.03 -15.36
CA VAL B 137 -10.19 -18.59 -14.52
C VAL B 137 -9.02 -17.65 -14.45
N VAL B 138 -8.60 -17.30 -13.24
CA VAL B 138 -7.48 -16.41 -13.06
C VAL B 138 -6.37 -17.19 -12.39
N SER B 139 -5.19 -17.19 -13.00
CA SER B 139 -4.06 -17.94 -12.47
C SER B 139 -2.80 -17.10 -12.25
N ARG B 140 -2.28 -17.11 -11.03
CA ARG B 140 -1.09 -16.34 -10.70
C ARG B 140 -0.02 -17.20 -10.03
N GLU B 141 0.15 -18.44 -10.48
CA GLU B 141 1.15 -19.29 -9.87
C GLU B 141 2.53 -18.63 -9.98
N LEU B 142 3.19 -18.75 -11.12
CA LEU B 142 4.50 -18.13 -11.32
C LEU B 142 4.45 -16.66 -10.93
N PRO B 143 5.54 -16.15 -10.35
CA PRO B 143 5.61 -14.73 -9.93
C PRO B 143 5.60 -13.70 -11.05
N GLY B 144 4.72 -12.71 -10.92
CA GLY B 144 4.61 -11.64 -11.90
C GLY B 144 3.69 -11.93 -13.09
N LEU B 145 3.45 -13.20 -13.35
CA LEU B 145 2.62 -13.59 -14.48
C LEU B 145 1.19 -13.89 -14.05
N ALA B 146 0.23 -13.49 -14.88
CA ALA B 146 -1.17 -13.75 -14.60
C ALA B 146 -1.80 -14.29 -15.88
N LEU B 147 -2.39 -15.47 -15.80
CA LEU B 147 -3.04 -16.10 -16.94
C LEU B 147 -4.54 -16.16 -16.74
N GLN B 148 -5.30 -15.85 -17.80
CA GLN B 148 -6.75 -15.88 -17.74
C GLN B 148 -7.38 -16.55 -18.94
N ALA B 149 -8.60 -17.01 -18.74
CA ALA B 149 -9.35 -17.64 -19.80
C ALA B 149 -10.76 -17.80 -19.27
N GLY B 150 -11.71 -18.01 -20.18
CA GLY B 150 -13.09 -18.15 -19.75
C GLY B 150 -14.06 -17.89 -20.88
N ARG B 151 -15.33 -18.07 -20.59
CA ARG B 151 -16.36 -17.88 -21.59
C ARG B 151 -17.63 -17.29 -20.99
N PHE B 152 -18.33 -16.50 -21.78
CA PHE B 152 -19.58 -15.90 -21.33
C PHE B 152 -20.62 -16.18 -22.42
N ASP B 153 -21.74 -16.75 -21.99
CA ASP B 153 -22.78 -17.11 -22.94
C ASP B 153 -23.99 -16.20 -22.85
N ALA B 154 -24.07 -15.39 -21.80
CA ALA B 154 -25.19 -14.48 -21.64
C ALA B 154 -24.75 -13.09 -21.13
N VAL B 155 -25.58 -12.09 -21.40
CA VAL B 155 -25.29 -10.72 -20.95
C VAL B 155 -26.53 -9.95 -20.55
N SER B 156 -26.35 -9.05 -19.61
CA SER B 156 -27.43 -8.20 -19.20
C SER B 156 -26.96 -6.78 -19.35
N LEU B 157 -27.47 -6.11 -20.37
CA LEU B 157 -27.10 -4.72 -20.61
C LEU B 157 -27.31 -3.90 -19.35
N ARG B 158 -26.56 -2.81 -19.25
CA ARG B 158 -26.68 -1.93 -18.09
C ARG B 158 -28.11 -1.47 -17.89
N ASN B 159 -28.77 -1.09 -18.98
CA ASN B 159 -30.15 -0.63 -18.91
C ASN B 159 -31.13 -1.76 -19.19
N SER B 160 -30.98 -2.88 -18.49
CA SER B 160 -31.87 -4.00 -18.69
C SER B 160 -31.76 -4.99 -17.56
N ALA B 161 -32.90 -5.54 -17.16
CA ALA B 161 -32.95 -6.52 -16.09
C ALA B 161 -32.81 -7.92 -16.63
N ASP B 162 -32.99 -8.08 -17.94
CA ASP B 162 -32.91 -9.41 -18.54
C ASP B 162 -31.57 -9.80 -19.14
N MET B 163 -31.36 -11.11 -19.25
CA MET B 163 -30.15 -11.69 -19.82
C MET B 163 -30.43 -12.02 -21.30
N GLN B 164 -29.47 -11.73 -22.17
CA GLN B 164 -29.64 -12.01 -23.58
C GLN B 164 -28.34 -12.54 -24.18
N ASP B 165 -28.37 -12.79 -25.49
CA ASP B 165 -27.21 -13.27 -26.22
C ASP B 165 -26.32 -12.09 -26.59
N LEU B 166 -25.01 -12.32 -26.50
CA LEU B 166 -24.02 -11.31 -26.85
C LEU B 166 -24.03 -11.02 -28.33
N SER B 167 -23.46 -9.88 -28.69
CA SER B 167 -23.36 -9.46 -30.07
C SER B 167 -22.41 -8.30 -30.11
N ALA B 168 -22.01 -7.91 -31.33
CA ALA B 168 -21.08 -6.81 -31.51
C ALA B 168 -21.78 -5.45 -31.65
N TRP B 169 -21.06 -4.38 -31.37
CA TRP B 169 -21.60 -3.03 -31.50
C TRP B 169 -21.90 -2.71 -32.97
N SER B 170 -21.08 -3.22 -33.88
CA SER B 170 -21.26 -2.98 -35.30
C SER B 170 -22.46 -3.73 -35.88
N ALA B 171 -23.21 -4.42 -35.03
CA ALA B 171 -24.38 -5.19 -35.46
C ALA B 171 -25.14 -5.73 -34.24
N PRO B 172 -25.59 -4.82 -33.37
CA PRO B 172 -26.32 -5.20 -32.17
C PRO B 172 -27.33 -6.30 -32.34
N THR B 173 -28.04 -6.29 -33.47
CA THR B 173 -29.07 -7.29 -33.70
C THR B 173 -28.59 -8.70 -34.03
N GLN B 174 -27.38 -8.86 -34.53
CA GLN B 174 -26.88 -10.19 -34.86
C GLN B 174 -26.30 -10.91 -33.64
N LYS B 175 -27.04 -11.87 -33.10
CA LYS B 175 -26.61 -12.60 -31.91
C LYS B 175 -25.50 -13.65 -32.10
N SER B 176 -24.80 -13.93 -31.02
CA SER B 176 -23.71 -14.88 -30.99
C SER B 176 -23.96 -15.94 -29.90
N ASP B 177 -23.31 -17.09 -30.01
CA ASP B 177 -23.48 -18.15 -29.02
C ASP B 177 -22.64 -17.90 -27.78
N GLY B 178 -21.58 -17.12 -27.95
CA GLY B 178 -20.74 -16.81 -26.81
C GLY B 178 -19.48 -16.06 -27.16
N PHE B 179 -18.78 -15.64 -26.12
CA PHE B 179 -17.52 -14.94 -26.26
C PHE B 179 -16.53 -15.60 -25.33
N ASN B 180 -15.54 -16.30 -25.88
CA ASN B 180 -14.53 -16.94 -25.05
C ASN B 180 -13.18 -16.27 -25.29
N TYR B 181 -12.29 -16.37 -24.31
CA TYR B 181 -10.99 -15.71 -24.41
C TYR B 181 -9.89 -16.42 -23.63
N ALA B 182 -8.70 -15.83 -23.72
CA ALA B 182 -7.51 -16.29 -23.03
C ALA B 182 -6.49 -15.16 -23.15
N GLY B 183 -5.80 -14.87 -22.05
CA GLY B 183 -4.81 -13.81 -22.06
C GLY B 183 -3.66 -14.01 -21.10
N ALA B 184 -2.67 -13.12 -21.18
CA ALA B 184 -1.51 -13.18 -20.32
C ALA B 184 -1.00 -11.77 -20.02
N GLU B 185 -0.57 -11.58 -18.78
CA GLU B 185 -0.02 -10.29 -18.37
C GLU B 185 1.22 -10.58 -17.55
N TYR B 186 2.35 -10.01 -17.96
CA TYR B 186 3.60 -10.20 -17.25
C TYR B 186 4.12 -8.86 -16.76
N ARG B 187 4.12 -8.70 -15.45
CA ARG B 187 4.59 -7.47 -14.80
C ARG B 187 6.02 -7.67 -14.33
N PHE B 188 6.93 -6.81 -14.78
CA PHE B 188 8.34 -6.92 -14.39
C PHE B 188 9.02 -5.55 -14.25
N ASN B 189 10.34 -5.54 -14.23
CA ASN B 189 11.11 -4.31 -14.09
C ASN B 189 10.66 -3.58 -12.81
N ARG B 190 10.61 -4.33 -11.72
CA ARG B 190 10.20 -3.83 -10.40
C ARG B 190 8.90 -3.03 -10.37
N GLU B 191 7.86 -3.61 -10.95
CA GLU B 191 6.50 -3.05 -10.99
C GLU B 191 6.21 -1.90 -11.94
N ARG B 192 7.15 -1.54 -12.81
CA ARG B 192 6.87 -0.41 -13.70
C ARG B 192 6.70 -0.72 -15.19
N THR B 193 6.68 -2.01 -15.53
CA THR B 193 6.52 -2.43 -16.90
C THR B 193 5.70 -3.71 -16.95
N GLN B 194 4.72 -3.75 -17.84
CA GLN B 194 3.85 -4.91 -17.96
C GLN B 194 3.55 -5.20 -19.42
N LEU B 195 3.48 -6.48 -19.77
CA LEU B 195 3.16 -6.88 -21.12
C LEU B 195 1.87 -7.68 -21.10
N GLY B 196 1.21 -7.76 -22.25
CA GLY B 196 -0.02 -8.51 -22.31
C GLY B 196 -0.38 -8.90 -23.72
N LEU B 197 -0.92 -10.10 -23.86
CA LEU B 197 -1.35 -10.64 -25.15
C LEU B 197 -2.68 -11.35 -24.90
N TRP B 198 -3.73 -10.90 -25.57
CA TRP B 198 -5.05 -11.52 -25.41
C TRP B 198 -5.63 -11.91 -26.75
N HIS B 199 -6.48 -12.92 -26.74
CA HIS B 199 -7.14 -13.39 -27.93
C HIS B 199 -8.56 -13.72 -27.51
N GLY B 200 -9.54 -13.11 -28.16
CA GLY B 200 -10.92 -13.38 -27.82
C GLY B 200 -11.71 -13.72 -29.07
N GLN B 201 -12.90 -14.29 -28.89
CA GLN B 201 -13.74 -14.66 -30.02
C GLN B 201 -15.24 -14.59 -29.74
N LEU B 202 -15.93 -13.78 -30.51
CA LEU B 202 -17.38 -13.64 -30.41
C LEU B 202 -17.91 -14.55 -31.50
N GLU B 203 -17.95 -15.84 -31.20
CA GLU B 203 -18.40 -16.86 -32.12
C GLU B 203 -19.40 -16.40 -33.18
N ASP B 204 -19.05 -16.65 -34.44
CA ASP B 204 -19.87 -16.31 -35.59
C ASP B 204 -19.93 -14.81 -35.90
N VAL B 205 -19.17 -14.02 -35.17
CA VAL B 205 -19.16 -12.60 -35.41
C VAL B 205 -17.78 -12.09 -35.72
N TYR B 206 -16.83 -12.41 -34.86
CA TYR B 206 -15.46 -11.96 -35.08
C TYR B 206 -14.50 -12.47 -34.01
N ARG B 207 -13.20 -12.37 -34.30
CA ARG B 207 -12.19 -12.72 -33.32
C ARG B 207 -11.25 -11.52 -33.20
N GLN B 208 -10.58 -11.39 -32.07
CA GLN B 208 -9.70 -10.25 -31.86
C GLN B 208 -8.47 -10.56 -31.04
N SER B 209 -7.32 -10.07 -31.52
CA SER B 209 -6.04 -10.25 -30.83
C SER B 209 -5.64 -8.86 -30.33
N TYR B 210 -5.00 -8.83 -29.17
CA TYR B 210 -4.62 -7.56 -28.58
C TYR B 210 -3.23 -7.62 -27.97
N ALA B 211 -2.51 -6.52 -28.13
CA ALA B 211 -1.16 -6.41 -27.61
C ALA B 211 -1.09 -5.12 -26.80
N ASN B 212 -0.49 -5.20 -25.62
CA ASN B 212 -0.40 -4.02 -24.78
C ASN B 212 0.91 -3.93 -24.01
N LEU B 213 1.43 -2.71 -23.95
CA LEU B 213 2.66 -2.44 -23.21
C LEU B 213 2.35 -1.31 -22.25
N LEU B 214 2.88 -1.40 -21.05
CA LEU B 214 2.68 -0.35 -20.06
C LEU B 214 4.04 -0.08 -19.47
N HIS B 215 4.41 1.18 -19.41
CA HIS B 215 5.70 1.54 -18.84
C HIS B 215 5.49 2.73 -17.96
N LYS B 216 6.33 2.86 -16.94
CA LYS B 216 6.25 3.96 -16.00
C LYS B 216 7.69 4.27 -15.60
N GLN B 217 8.06 5.54 -15.53
CA GLN B 217 9.41 5.87 -15.15
C GLN B 217 9.55 7.24 -14.51
N ARG B 218 9.74 7.25 -13.21
CA ARG B 218 9.92 8.50 -12.48
C ARG B 218 11.35 8.99 -12.67
N VAL B 219 11.50 10.14 -13.31
CA VAL B 219 12.82 10.72 -13.55
C VAL B 219 12.82 12.15 -13.02
N GLY B 220 13.41 12.31 -11.84
CA GLY B 220 13.45 13.62 -11.21
C GLY B 220 12.11 13.80 -10.54
N ASP B 221 11.53 14.99 -10.69
CA ASP B 221 10.23 15.29 -10.10
C ASP B 221 9.12 14.64 -10.91
N TRP B 222 9.36 14.46 -12.20
CA TRP B 222 8.38 13.87 -13.11
C TRP B 222 8.21 12.36 -13.03
N THR B 223 7.06 11.89 -13.53
CA THR B 223 6.72 10.46 -13.60
C THR B 223 6.17 10.28 -15.01
N LEU B 224 6.98 9.77 -15.94
CA LEU B 224 6.51 9.61 -17.31
C LEU B 224 6.00 8.20 -17.55
N GLY B 225 4.77 8.10 -18.04
CA GLY B 225 4.19 6.81 -18.31
C GLY B 225 3.72 6.66 -19.75
N ALA B 226 3.55 5.41 -20.18
CA ALA B 226 3.10 5.15 -21.54
C ALA B 226 2.19 3.93 -21.58
N ASN B 227 1.17 4.02 -22.40
CA ASN B 227 0.24 2.92 -22.57
C ASN B 227 0.10 2.70 -24.07
N LEU B 228 0.69 1.63 -24.56
CA LEU B 228 0.66 1.30 -25.98
C LEU B 228 -0.22 0.08 -26.26
N GLY B 229 -1.09 0.20 -27.25
CA GLY B 229 -1.94 -0.93 -27.57
C GLY B 229 -2.09 -1.22 -29.06
N LEU B 230 -2.37 -2.48 -29.36
CA LEU B 230 -2.57 -2.92 -30.73
C LEU B 230 -3.71 -3.95 -30.77
N PHE B 231 -4.68 -3.70 -31.63
CA PHE B 231 -5.85 -4.58 -31.79
C PHE B 231 -5.90 -4.98 -33.27
N VAL B 232 -6.34 -6.21 -33.53
CA VAL B 232 -6.48 -6.66 -34.91
C VAL B 232 -7.79 -7.43 -34.92
N ASP B 233 -8.71 -7.06 -35.80
CA ASP B 233 -10.01 -7.74 -35.84
C ASP B 233 -10.35 -8.37 -37.17
N ARG B 234 -10.97 -9.53 -37.13
CA ARG B 234 -11.41 -10.24 -38.32
C ARG B 234 -12.74 -10.92 -38.00
N ASP B 235 -13.56 -11.17 -39.01
CA ASP B 235 -14.83 -11.82 -38.78
C ASP B 235 -14.57 -13.28 -38.42
N ASP B 236 -15.53 -13.93 -37.79
CA ASP B 236 -15.38 -15.31 -37.34
C ASP B 236 -16.51 -16.21 -37.81
N GLY B 237 -16.17 -17.44 -38.19
CA GLY B 237 -17.14 -18.42 -38.68
C GLY B 237 -18.60 -18.02 -38.81
N ALA B 238 -19.06 -17.83 -40.04
CA ALA B 238 -20.45 -17.44 -40.34
C ALA B 238 -20.63 -15.94 -40.51
N ALA B 239 -19.69 -15.17 -39.98
CA ALA B 239 -19.68 -13.72 -40.07
C ALA B 239 -21.04 -13.01 -40.07
N ARG B 240 -21.80 -13.16 -38.97
CA ARG B 240 -23.13 -12.54 -38.87
C ARG B 240 -23.12 -11.01 -38.98
N ALA B 241 -21.96 -10.37 -38.89
CA ALA B 241 -21.89 -8.92 -38.99
C ALA B 241 -21.17 -8.56 -40.27
N GLY B 242 -21.15 -9.51 -41.20
CA GLY B 242 -20.47 -9.26 -42.46
C GLY B 242 -18.99 -9.41 -42.23
N GLU B 243 -18.21 -9.28 -43.30
CA GLU B 243 -16.77 -9.42 -43.19
C GLU B 243 -16.16 -8.27 -42.41
N ILE B 244 -15.15 -8.58 -41.61
CA ILE B 244 -14.47 -7.57 -40.82
C ILE B 244 -12.95 -7.72 -40.92
N ASP B 245 -12.28 -6.58 -40.99
CA ASP B 245 -10.83 -6.58 -41.12
C ASP B 245 -10.32 -5.20 -40.78
N SER B 246 -9.81 -5.05 -39.56
CA SER B 246 -9.27 -3.78 -39.14
C SER B 246 -8.24 -3.97 -38.04
N HIS B 247 -7.39 -2.96 -37.91
CA HIS B 247 -6.37 -2.98 -36.88
C HIS B 247 -6.42 -1.59 -36.24
N THR B 248 -6.24 -1.56 -34.93
CA THR B 248 -6.27 -0.30 -34.22
C THR B 248 -5.00 -0.25 -33.42
N VAL B 249 -4.42 0.94 -33.29
CA VAL B 249 -3.21 1.11 -32.52
C VAL B 249 -3.37 2.41 -31.79
N TYR B 250 -2.93 2.46 -30.54
CA TYR B 250 -3.05 3.69 -29.78
C TYR B 250 -1.86 3.83 -28.86
N GLY B 251 -1.64 5.05 -28.40
CA GLY B 251 -0.56 5.35 -27.50
C GLY B 251 -1.02 6.46 -26.59
N LEU B 252 -1.10 6.16 -25.29
CA LEU B 252 -1.53 7.17 -24.32
C LEU B 252 -0.35 7.50 -23.45
N PHE B 253 0.09 8.77 -23.49
CA PHE B 253 1.24 9.21 -22.71
C PHE B 253 0.86 10.19 -21.63
N SER B 254 1.32 9.93 -20.42
CA SER B 254 1.06 10.79 -19.29
C SER B 254 2.34 11.50 -18.86
N ALA B 255 2.18 12.67 -18.25
CA ALA B 255 3.29 13.47 -17.76
C ALA B 255 2.82 14.05 -16.43
N GLY B 256 3.26 13.43 -15.34
CA GLY B 256 2.85 13.89 -14.03
C GLY B 256 3.93 14.51 -13.18
N ILE B 257 3.65 15.69 -12.66
CA ILE B 257 4.58 16.39 -11.80
C ILE B 257 3.71 16.97 -10.69
N GLY B 258 3.86 16.42 -9.49
CA GLY B 258 3.11 16.85 -8.32
C GLY B 258 1.73 17.46 -8.55
N LEU B 259 0.70 16.75 -8.11
CA LEU B 259 -0.67 17.27 -8.25
C LEU B 259 -1.09 17.57 -9.69
N HIS B 260 -0.13 17.63 -10.60
CA HIS B 260 -0.47 17.92 -12.00
C HIS B 260 -0.23 16.72 -12.92
N THR B 261 -1.17 16.43 -13.80
CA THR B 261 -0.99 15.33 -14.74
C THR B 261 -1.34 15.80 -16.12
N PHE B 262 -0.47 15.52 -17.08
CA PHE B 262 -0.71 15.91 -18.47
C PHE B 262 -0.81 14.66 -19.32
N TYR B 263 -1.69 14.66 -20.31
CA TYR B 263 -1.82 13.49 -21.18
C TYR B 263 -1.92 13.89 -22.64
N LEU B 264 -1.35 13.06 -23.50
CA LEU B 264 -1.42 13.25 -24.94
C LEU B 264 -1.73 11.88 -25.56
N GLY B 265 -2.70 11.84 -26.47
CA GLY B 265 -3.07 10.59 -27.09
C GLY B 265 -3.09 10.58 -28.62
N LEU B 266 -2.41 9.59 -29.20
CA LEU B 266 -2.36 9.43 -30.65
C LEU B 266 -2.98 8.07 -30.98
N GLN B 267 -3.94 8.05 -31.90
CA GLN B 267 -4.63 6.81 -32.23
C GLN B 267 -5.00 6.68 -33.71
N LYS B 268 -4.85 5.48 -34.26
CA LYS B 268 -5.21 5.26 -35.66
C LYS B 268 -5.96 3.94 -35.90
N VAL B 269 -6.93 3.98 -36.81
CA VAL B 269 -7.68 2.79 -37.17
C VAL B 269 -7.50 2.53 -38.66
N GLY B 270 -7.07 1.30 -38.99
CA GLY B 270 -6.88 0.93 -40.38
C GLY B 270 -7.64 -0.33 -40.77
N GLY B 271 -7.83 -0.54 -42.08
CA GLY B 271 -8.57 -1.70 -42.55
C GLY B 271 -9.90 -1.25 -43.14
N ASP B 272 -10.79 -2.17 -43.50
CA ASP B 272 -12.06 -1.72 -44.06
C ASP B 272 -13.05 -1.50 -42.95
N SER B 273 -12.88 -2.24 -41.88
CA SER B 273 -13.79 -2.18 -40.76
C SER B 273 -13.27 -1.31 -39.64
N GLY B 274 -14.11 -1.10 -38.63
CA GLY B 274 -13.71 -0.33 -37.48
C GLY B 274 -13.36 -1.32 -36.39
N TRP B 275 -13.04 -0.83 -35.20
CA TRP B 275 -12.65 -1.67 -34.04
C TRP B 275 -13.81 -2.49 -33.43
N GLN B 276 -13.71 -3.81 -33.49
CA GLN B 276 -14.76 -4.66 -32.94
C GLN B 276 -14.84 -4.73 -31.43
N SER B 277 -15.97 -5.17 -30.92
CA SER B 277 -16.18 -5.21 -29.50
C SER B 277 -17.60 -5.69 -29.14
N VAL B 278 -17.79 -6.12 -27.90
CA VAL B 278 -19.09 -6.60 -27.44
C VAL B 278 -20.11 -5.50 -27.19
N TYR B 279 -21.27 -5.64 -27.80
CA TYR B 279 -22.36 -4.69 -27.67
C TYR B 279 -22.71 -4.42 -26.22
N GLY B 280 -22.76 -3.14 -25.85
CA GLY B 280 -23.11 -2.76 -24.50
C GLY B 280 -21.93 -2.65 -23.54
N SER B 281 -20.74 -2.98 -24.02
CA SER B 281 -19.56 -2.90 -23.17
C SER B 281 -18.94 -1.51 -23.26
N SER B 282 -17.81 -1.32 -22.57
CA SER B 282 -17.13 -0.03 -22.56
C SER B 282 -15.90 0.07 -23.46
N GLY B 283 -15.72 1.24 -24.05
CA GLY B 283 -14.56 1.48 -24.89
C GLY B 283 -13.33 1.71 -24.01
N ARG B 284 -13.59 1.87 -22.72
CA ARG B 284 -12.57 2.10 -21.69
C ARG B 284 -11.19 1.46 -21.99
N SER B 285 -11.16 0.47 -22.87
CA SER B 285 -9.91 -0.20 -23.19
C SER B 285 -9.10 0.51 -24.29
N MET B 286 -9.75 1.39 -25.04
CA MET B 286 -9.11 2.13 -26.13
C MET B 286 -8.43 3.39 -25.60
N GLY B 287 -7.24 3.65 -26.12
CA GLY B 287 -6.46 4.80 -25.71
C GLY B 287 -7.17 6.13 -25.67
N ASN B 288 -7.89 6.47 -26.74
CA ASN B 288 -8.62 7.73 -26.81
C ASN B 288 -10.07 7.64 -26.35
N ASP B 289 -10.36 6.75 -25.41
CA ASP B 289 -11.72 6.62 -24.92
C ASP B 289 -12.15 7.84 -24.10
N MET B 290 -13.40 8.24 -24.28
CA MET B 290 -13.96 9.38 -23.58
C MET B 290 -15.41 9.06 -23.23
N PHE B 291 -16.03 9.92 -22.42
CA PHE B 291 -17.42 9.70 -21.97
C PHE B 291 -18.37 9.16 -23.04
N ASN B 292 -18.48 9.87 -24.15
CA ASN B 292 -19.40 9.47 -25.19
C ASN B 292 -18.89 8.77 -26.43
N GLY B 293 -17.67 8.25 -26.39
CA GLY B 293 -17.14 7.57 -27.56
C GLY B 293 -15.65 7.36 -27.48
N ASN B 294 -15.04 6.84 -28.54
CA ASN B 294 -13.61 6.59 -28.50
C ASN B 294 -12.91 6.66 -29.86
N PHE B 295 -13.52 7.36 -30.80
CA PHE B 295 -12.95 7.53 -32.14
C PHE B 295 -12.45 6.24 -32.76
N THR B 296 -13.33 5.26 -32.93
CA THR B 296 -12.92 3.99 -33.50
C THR B 296 -13.66 3.60 -34.78
N ASN B 297 -14.13 4.59 -35.53
CA ASN B 297 -14.81 4.29 -36.79
C ASN B 297 -13.77 3.80 -37.79
N ALA B 298 -14.22 3.29 -38.92
CA ALA B 298 -13.27 2.82 -39.91
C ALA B 298 -12.37 3.98 -40.37
N ASP B 299 -11.07 3.71 -40.50
CA ASP B 299 -10.08 4.69 -40.95
C ASP B 299 -9.88 5.96 -40.12
N GLU B 300 -10.44 6.02 -38.91
CA GLU B 300 -10.31 7.23 -38.11
C GLU B 300 -8.97 7.40 -37.42
N ARG B 301 -8.40 8.60 -37.58
CA ARG B 301 -7.14 8.94 -36.96
C ARG B 301 -7.51 9.97 -35.87
N SER B 302 -6.95 9.82 -34.67
CA SER B 302 -7.31 10.75 -33.60
C SER B 302 -6.18 11.15 -32.68
N TRP B 303 -6.37 12.27 -31.99
CA TRP B 303 -5.37 12.77 -31.06
C TRP B 303 -6.12 13.43 -29.90
N GLN B 304 -5.56 13.32 -28.71
CA GLN B 304 -6.19 13.88 -27.51
C GLN B 304 -5.22 14.55 -26.54
N VAL B 305 -5.76 15.43 -25.71
CA VAL B 305 -4.97 16.09 -24.67
C VAL B 305 -5.82 16.06 -23.43
N ARG B 306 -5.20 15.71 -22.33
CA ARG B 306 -5.93 15.67 -21.07
C ARG B 306 -5.14 16.31 -19.94
N TYR B 307 -5.84 16.94 -19.01
CA TYR B 307 -5.22 17.59 -17.84
C TYR B 307 -5.96 17.23 -16.54
N ASP B 308 -5.20 16.81 -15.53
CA ASP B 308 -5.76 16.41 -14.23
C ASP B 308 -5.12 17.22 -13.09
N TYR B 309 -5.93 17.54 -12.07
CA TYR B 309 -5.45 18.29 -10.92
C TYR B 309 -6.01 17.79 -9.60
N ASP B 310 -5.12 17.65 -8.61
CA ASP B 310 -5.50 17.22 -7.28
C ASP B 310 -5.76 18.52 -6.54
N PHE B 311 -7.03 18.89 -6.36
CA PHE B 311 -7.39 20.13 -5.69
C PHE B 311 -6.97 20.18 -4.21
N VAL B 312 -6.15 19.21 -3.80
CA VAL B 312 -5.65 19.16 -2.45
C VAL B 312 -4.74 20.37 -2.35
N GLY B 313 -4.14 20.72 -3.49
CA GLY B 313 -3.25 21.86 -3.58
C GLY B 313 -3.91 23.17 -3.19
N LEU B 314 -5.24 23.18 -3.13
CA LEU B 314 -5.97 24.39 -2.75
C LEU B 314 -6.77 24.15 -1.48
N GLY B 315 -6.39 23.11 -0.74
CA GLY B 315 -7.09 22.80 0.50
C GLY B 315 -8.39 22.05 0.32
N TRP B 316 -8.56 21.40 -0.82
CA TRP B 316 -9.77 20.62 -1.07
C TRP B 316 -9.32 19.19 -1.34
N PRO B 317 -8.87 18.49 -0.28
CA PRO B 317 -8.40 17.13 -0.37
C PRO B 317 -9.10 16.22 -1.36
N GLY B 318 -10.23 15.67 -0.97
CA GLY B 318 -10.93 14.75 -1.85
C GLY B 318 -11.47 15.24 -3.18
N LEU B 319 -11.08 16.45 -3.60
CA LEU B 319 -11.57 17.00 -4.86
C LEU B 319 -10.58 16.88 -6.01
N ILE B 320 -10.99 16.20 -7.07
CA ILE B 320 -10.16 16.00 -8.26
C ILE B 320 -10.84 16.63 -9.46
N GLY B 321 -10.07 16.82 -10.53
CA GLY B 321 -10.62 17.43 -11.72
C GLY B 321 -9.87 17.06 -12.99
N MET B 322 -10.64 16.92 -14.07
CA MET B 322 -10.10 16.58 -15.38
C MET B 322 -10.79 17.36 -16.50
N VAL B 323 -10.00 17.69 -17.51
CA VAL B 323 -10.45 18.37 -18.71
C VAL B 323 -9.78 17.61 -19.83
N ARG B 324 -10.54 17.24 -20.85
CA ARG B 324 -9.92 16.54 -21.97
C ARG B 324 -10.63 16.86 -23.26
N TYR B 325 -9.84 17.10 -24.30
CA TYR B 325 -10.35 17.43 -25.61
C TYR B 325 -9.83 16.38 -26.56
N GLY B 326 -10.69 15.90 -27.44
CA GLY B 326 -10.29 14.90 -28.40
C GLY B 326 -10.82 15.19 -29.79
N HIS B 327 -10.00 15.01 -30.80
CA HIS B 327 -10.43 15.26 -32.17
C HIS B 327 -10.12 14.10 -33.08
N GLY B 328 -11.09 13.75 -33.91
CA GLY B 328 -10.90 12.66 -34.85
C GLY B 328 -11.27 13.13 -36.23
N SER B 329 -10.70 12.48 -37.24
CA SER B 329 -11.00 12.82 -38.63
C SER B 329 -10.65 11.61 -39.51
N ASN B 330 -10.97 11.73 -40.80
CA ASN B 330 -10.73 10.67 -41.78
C ASN B 330 -11.65 9.49 -41.48
N ALA B 331 -12.65 9.74 -40.66
CA ALA B 331 -13.61 8.71 -40.25
C ALA B 331 -14.55 8.26 -41.38
N THR B 332 -14.58 6.96 -41.62
CA THR B 332 -15.45 6.43 -42.65
C THR B 332 -16.60 5.66 -42.02
N THR B 333 -17.81 6.11 -42.30
CA THR B 333 -19.01 5.49 -41.77
C THR B 333 -19.93 5.18 -42.95
N LYS B 334 -21.10 4.63 -42.65
CA LYS B 334 -22.06 4.27 -43.68
C LYS B 334 -22.26 5.37 -44.72
N ALA B 335 -22.71 6.54 -44.27
CA ALA B 335 -22.95 7.67 -45.16
C ALA B 335 -21.77 8.01 -46.06
N GLY B 336 -20.56 8.06 -45.49
CA GLY B 336 -19.40 8.39 -46.29
C GLY B 336 -18.04 8.36 -45.64
N SER B 337 -17.12 9.15 -46.20
CA SER B 337 -15.75 9.23 -45.71
C SER B 337 -15.36 10.65 -45.34
N GLY B 338 -14.22 10.80 -44.70
CA GLY B 338 -13.77 12.11 -44.32
C GLY B 338 -14.51 12.71 -43.15
N GLY B 339 -15.31 11.90 -42.44
CA GLY B 339 -16.04 12.41 -41.29
C GLY B 339 -15.09 12.92 -40.22
N LYS B 340 -15.46 14.00 -39.54
CA LYS B 340 -14.63 14.57 -38.49
C LYS B 340 -15.45 14.64 -37.21
N GLU B 341 -14.78 14.68 -36.06
CA GLU B 341 -15.50 14.73 -34.80
C GLU B 341 -14.60 15.15 -33.65
N TRP B 342 -15.20 15.80 -32.66
CA TRP B 342 -14.43 16.19 -31.49
C TRP B 342 -15.30 16.15 -30.24
N GLU B 343 -14.71 15.69 -29.15
CA GLU B 343 -15.44 15.61 -27.90
C GLU B 343 -14.59 16.35 -26.90
N ARG B 344 -15.25 16.94 -25.91
CA ARG B 344 -14.55 17.67 -24.87
C ARG B 344 -15.31 17.40 -23.58
N ASP B 345 -14.64 16.76 -22.63
CA ASP B 345 -15.24 16.45 -21.36
C ASP B 345 -14.53 17.19 -20.25
N VAL B 346 -15.30 17.60 -19.26
CA VAL B 346 -14.76 18.29 -18.11
C VAL B 346 -15.47 17.67 -16.93
N GLU B 347 -14.73 17.42 -15.84
CA GLU B 347 -15.37 16.82 -14.67
C GLU B 347 -14.80 17.24 -13.33
N LEU B 348 -15.67 17.24 -12.33
CA LEU B 348 -15.31 17.55 -10.97
C LEU B 348 -15.82 16.40 -10.13
N GLY B 349 -14.90 15.71 -9.47
CA GLY B 349 -15.27 14.59 -8.63
C GLY B 349 -14.80 14.86 -7.23
N TYR B 350 -15.73 14.85 -6.28
CA TYR B 350 -15.39 15.11 -4.90
C TYR B 350 -15.75 13.95 -3.98
N THR B 351 -14.89 13.67 -3.02
CA THR B 351 -15.15 12.60 -2.08
C THR B 351 -14.83 12.99 -0.65
N VAL B 352 -15.86 13.14 0.17
CA VAL B 352 -15.71 13.50 1.56
C VAL B 352 -14.64 12.59 2.18
N GLN B 353 -13.53 13.20 2.58
CA GLN B 353 -12.40 12.47 3.16
C GLN B 353 -12.60 12.01 4.59
N SER B 354 -13.51 12.65 5.31
CA SER B 354 -13.75 12.30 6.70
C SER B 354 -15.05 12.85 7.25
N GLY B 355 -15.29 12.62 8.54
CA GLY B 355 -16.51 13.09 9.16
C GLY B 355 -17.60 12.04 9.02
N PRO B 356 -18.87 12.44 9.19
CA PRO B 356 -20.02 11.52 9.10
C PRO B 356 -20.34 11.08 7.66
N LEU B 357 -20.30 12.04 6.73
CA LEU B 357 -20.60 11.75 5.33
C LEU B 357 -19.35 11.24 4.64
N ALA B 358 -18.33 10.96 5.42
CA ALA B 358 -17.06 10.48 4.88
C ALA B 358 -17.29 9.34 3.90
N ARG B 359 -16.47 9.31 2.85
CA ARG B 359 -16.52 8.30 1.81
C ARG B 359 -17.57 8.61 0.74
N LEU B 360 -18.51 9.50 1.07
CA LEU B 360 -19.56 9.91 0.13
C LEU B 360 -18.88 10.52 -1.08
N ASN B 361 -19.46 10.31 -2.26
CA ASN B 361 -18.86 10.84 -3.48
C ASN B 361 -19.84 11.60 -4.38
N VAL B 362 -19.39 12.72 -4.92
CA VAL B 362 -20.21 13.55 -5.79
C VAL B 362 -19.44 13.91 -7.05
N ARG B 363 -19.93 13.47 -8.20
CA ARG B 363 -19.27 13.77 -9.46
C ARG B 363 -20.16 14.61 -10.36
N LEU B 364 -19.57 15.61 -11.00
CA LEU B 364 -20.29 16.48 -11.91
C LEU B 364 -19.46 16.60 -13.18
N ASN B 365 -20.06 16.27 -14.32
CA ASN B 365 -19.33 16.39 -15.56
C ASN B 365 -20.19 16.91 -16.68
N HIS B 366 -19.51 17.38 -17.72
CA HIS B 366 -20.15 17.91 -18.90
C HIS B 366 -19.42 17.30 -20.07
N ALA B 367 -20.05 17.34 -21.23
CA ALA B 367 -19.46 16.78 -22.43
C ALA B 367 -20.07 17.39 -23.68
N SER B 368 -19.22 17.71 -24.64
CA SER B 368 -19.72 18.25 -25.88
C SER B 368 -19.23 17.37 -27.01
N ASN B 369 -20.16 16.92 -27.84
CA ASN B 369 -19.81 16.07 -28.96
C ASN B 369 -20.27 16.68 -30.24
N ARG B 370 -19.33 16.98 -31.11
CA ARG B 370 -19.68 17.52 -32.40
C ARG B 370 -19.28 16.47 -33.40
N ARG B 371 -20.28 15.88 -34.05
CA ARG B 371 -20.05 14.85 -35.04
C ARG B 371 -20.50 15.38 -36.40
N SER B 372 -19.61 15.28 -37.39
CA SER B 372 -19.92 15.76 -38.72
C SER B 372 -20.82 14.77 -39.44
N PHE B 373 -20.76 13.51 -39.01
CA PHE B 373 -21.56 12.45 -39.63
C PHE B 373 -22.74 12.00 -38.77
N ASN B 374 -22.98 12.70 -37.65
CA ASN B 374 -24.10 12.36 -36.78
C ASN B 374 -24.60 13.59 -36.05
N SER B 375 -25.60 13.41 -35.18
CA SER B 375 -26.19 14.53 -34.45
C SER B 375 -25.27 15.09 -33.37
N ASP B 376 -25.29 16.40 -33.19
CA ASP B 376 -24.46 17.07 -32.18
C ASP B 376 -25.23 17.23 -30.88
N PHE B 377 -24.51 17.31 -29.76
CA PHE B 377 -25.17 17.47 -28.46
C PHE B 377 -24.22 17.79 -27.30
N ASP B 378 -24.81 18.14 -26.16
CA ASP B 378 -24.07 18.42 -24.95
C ASP B 378 -24.69 17.52 -23.90
N GLN B 379 -23.90 17.15 -22.91
CA GLN B 379 -24.35 16.24 -21.88
C GLN B 379 -23.90 16.71 -20.50
N THR B 380 -24.83 16.72 -19.55
CA THR B 380 -24.52 17.15 -18.19
C THR B 380 -24.94 16.08 -17.21
N ARG B 381 -24.02 15.69 -16.34
CA ARG B 381 -24.29 14.66 -15.35
C ARG B 381 -23.90 15.05 -13.94
N LEU B 382 -24.72 14.58 -13.01
CA LEU B 382 -24.50 14.78 -11.58
C LEU B 382 -24.76 13.41 -10.98
N VAL B 383 -23.80 12.86 -10.24
CA VAL B 383 -23.99 11.53 -9.65
C VAL B 383 -23.52 11.46 -8.20
N VAL B 384 -24.46 11.30 -7.27
CA VAL B 384 -24.13 11.20 -5.85
C VAL B 384 -24.18 9.73 -5.45
N SER B 385 -23.09 9.23 -4.88
CA SER B 385 -22.99 7.83 -4.47
C SER B 385 -22.47 7.67 -3.05
N TYR B 386 -23.09 6.80 -2.28
CA TYR B 386 -22.63 6.53 -0.92
C TYR B 386 -22.47 5.03 -0.70
N PRO B 387 -21.27 4.60 -0.28
CA PRO B 387 -20.94 3.19 -0.03
C PRO B 387 -20.97 2.74 1.42
N LEU B 388 -21.61 1.59 1.66
CA LEU B 388 -21.68 1.01 2.98
C LEU B 388 -21.01 -0.38 2.93
N SER B 389 -20.15 -0.65 3.89
CA SER B 389 -19.44 -1.92 3.93
C SER B 389 -19.72 -2.76 5.19
N TRP B 390 -19.31 -4.01 5.17
CA TRP B 390 -19.52 -4.93 6.28
C TRP B 390 -18.53 -6.07 6.20
#